data_1RZS
#
_entry.id   1RZS
#
_entity_poly.entity_id   1
_entity_poly.type   'polypeptide(L)'
_entity_poly.pdbx_seq_one_letter_code
;MYKKDVIDHFGTQRAVAKALGISDAAVSQWKEVIPEKDAYRLEIVTAGALKYQENAYRQAA
;
_entity_poly.pdbx_strand_id   A
#
# COMPACT_ATOMS: atom_id res chain seq x y z
N MET A 1 0.51 6.47 -3.89
CA MET A 1 0.30 5.03 -4.21
C MET A 1 -1.18 4.67 -4.19
N TYR A 2 -1.71 4.33 -5.35
CA TYR A 2 -3.12 3.96 -5.47
C TYR A 2 -3.31 2.48 -5.18
N LYS A 3 -4.38 2.17 -4.44
CA LYS A 3 -4.69 0.79 -4.08
C LYS A 3 -4.88 -0.07 -5.33
N LYS A 4 -5.39 0.56 -6.39
CA LYS A 4 -5.63 -0.15 -7.65
C LYS A 4 -4.33 -0.71 -8.21
N ASP A 5 -3.23 -0.01 -7.95
CA ASP A 5 -1.92 -0.44 -8.43
C ASP A 5 -1.36 -1.54 -7.54
N VAL A 6 -1.44 -1.35 -6.24
CA VAL A 6 -0.94 -2.31 -5.28
C VAL A 6 -1.58 -3.69 -5.50
N ILE A 7 -2.90 -3.71 -5.57
CA ILE A 7 -3.63 -4.96 -5.77
C ILE A 7 -3.20 -5.63 -7.08
N ASP A 8 -2.80 -4.83 -8.05
CA ASP A 8 -2.37 -5.34 -9.34
C ASP A 8 -0.97 -5.93 -9.25
N HIS A 9 -0.20 -5.43 -8.29
CA HIS A 9 1.16 -5.91 -8.08
C HIS A 9 1.16 -7.17 -7.21
N PHE A 10 0.18 -7.25 -6.30
CA PHE A 10 0.07 -8.38 -5.40
C PHE A 10 -0.89 -9.43 -5.95
N GLY A 11 -1.87 -8.99 -6.73
CA GLY A 11 -2.84 -9.90 -7.31
C GLY A 11 -4.01 -10.15 -6.38
N THR A 12 -3.72 -10.53 -5.14
CA THR A 12 -4.75 -10.78 -4.14
C THR A 12 -4.51 -9.94 -2.90
N GLN A 13 -5.57 -9.33 -2.37
CA GLN A 13 -5.47 -8.50 -1.19
C GLN A 13 -4.73 -9.22 -0.07
N ARG A 14 -5.13 -10.47 0.20
CA ARG A 14 -4.51 -11.27 1.25
C ARG A 14 -2.99 -11.23 1.15
N ALA A 15 -2.49 -11.11 -0.07
CA ALA A 15 -1.05 -11.06 -0.31
C ALA A 15 -0.44 -9.80 0.30
N VAL A 16 -1.02 -8.65 -0.02
CA VAL A 16 -0.54 -7.37 0.49
C VAL A 16 -0.48 -7.38 2.01
N ALA A 17 -1.55 -7.86 2.64
CA ALA A 17 -1.62 -7.93 4.09
C ALA A 17 -0.50 -8.78 4.66
N LYS A 18 -0.11 -9.81 3.91
CA LYS A 18 0.95 -10.71 4.35
C LYS A 18 2.33 -10.05 4.19
N ALA A 19 2.43 -9.17 3.20
CA ALA A 19 3.69 -8.47 2.94
C ALA A 19 3.99 -7.46 4.05
N LEU A 20 3.01 -6.64 4.39
CA LEU A 20 3.17 -5.63 5.43
C LEU A 20 3.02 -6.26 6.81
N GLY A 21 2.16 -7.26 6.91
CA GLY A 21 1.93 -7.93 8.18
C GLY A 21 0.59 -7.57 8.80
N ILE A 22 -0.37 -7.22 7.96
CA ILE A 22 -1.70 -6.86 8.42
C ILE A 22 -2.75 -7.86 7.94
N SER A 23 -4.01 -7.62 8.31
CA SER A 23 -5.10 -8.49 7.92
C SER A 23 -5.67 -8.08 6.57
N ASP A 24 -6.42 -8.98 5.94
CA ASP A 24 -7.02 -8.71 4.64
C ASP A 24 -8.02 -7.56 4.73
N ALA A 25 -8.67 -7.44 5.89
CA ALA A 25 -9.66 -6.39 6.11
C ALA A 25 -9.04 -5.02 5.96
N ALA A 26 -7.85 -4.85 6.54
CA ALA A 26 -7.13 -3.57 6.48
C ALA A 26 -6.87 -3.17 5.03
N VAL A 27 -6.54 -4.15 4.20
CA VAL A 27 -6.25 -3.88 2.79
C VAL A 27 -7.49 -3.37 2.07
N SER A 28 -8.60 -4.09 2.21
CA SER A 28 -9.85 -3.69 1.57
C SER A 28 -10.35 -2.36 2.12
N GLN A 29 -10.08 -2.12 3.40
CA GLN A 29 -10.51 -0.89 4.05
C GLN A 29 -9.81 0.32 3.44
N TRP A 30 -8.68 0.08 2.79
CA TRP A 30 -7.91 1.16 2.16
C TRP A 30 -8.78 1.96 1.21
N LYS A 31 -8.28 3.13 0.80
CA LYS A 31 -9.01 4.00 -0.11
C LYS A 31 -8.19 4.26 -1.38
N GLU A 32 -8.58 5.29 -2.13
CA GLU A 32 -7.87 5.63 -3.36
C GLU A 32 -6.37 5.71 -3.13
N VAL A 33 -5.98 6.04 -1.89
CA VAL A 33 -4.57 6.14 -1.55
C VAL A 33 -4.27 5.35 -0.28
N ILE A 34 -3.44 4.32 -0.40
CA ILE A 34 -3.07 3.49 0.74
C ILE A 34 -2.48 4.32 1.87
N PRO A 35 -2.58 3.82 3.12
CA PRO A 35 -2.05 4.52 4.29
C PRO A 35 -0.60 4.96 4.10
N GLU A 36 -0.17 5.93 4.90
CA GLU A 36 1.20 6.45 4.82
C GLU A 36 2.20 5.40 5.29
N LYS A 37 1.81 4.61 6.28
CA LYS A 37 2.68 3.57 6.82
C LYS A 37 2.63 2.31 5.97
N ASP A 38 1.53 2.12 5.25
CA ASP A 38 1.37 0.95 4.40
C ASP A 38 2.12 1.13 3.10
N ALA A 39 2.03 2.33 2.52
CA ALA A 39 2.71 2.63 1.29
C ALA A 39 4.23 2.56 1.47
N TYR A 40 4.69 2.80 2.69
CA TYR A 40 6.11 2.77 3.01
C TYR A 40 6.67 1.35 2.87
N ARG A 41 6.25 0.48 3.77
CA ARG A 41 6.71 -0.91 3.76
C ARG A 41 6.42 -1.58 2.41
N LEU A 42 5.37 -1.11 1.75
CA LEU A 42 4.98 -1.67 0.45
C LEU A 42 6.11 -1.52 -0.56
N GLU A 43 6.88 -0.44 -0.44
CA GLU A 43 7.99 -0.18 -1.35
C GLU A 43 9.11 -1.20 -1.15
N ILE A 44 9.14 -1.83 0.02
CA ILE A 44 10.18 -2.81 0.34
C ILE A 44 9.77 -4.21 -0.12
N VAL A 45 8.55 -4.62 0.26
CA VAL A 45 8.05 -5.94 -0.11
C VAL A 45 8.01 -6.11 -1.61
N THR A 46 7.66 -5.04 -2.33
CA THR A 46 7.58 -5.07 -3.77
C THR A 46 8.96 -4.96 -4.42
N ALA A 47 10.01 -4.95 -3.61
CA ALA A 47 11.37 -4.84 -4.12
C ALA A 47 11.61 -3.47 -4.73
N GLY A 48 10.99 -2.44 -4.14
CA GLY A 48 11.15 -1.09 -4.63
C GLY A 48 10.37 -0.84 -5.91
N ALA A 49 9.29 -1.59 -6.10
CA ALA A 49 8.46 -1.44 -7.29
C ALA A 49 7.88 -0.03 -7.38
N LEU A 50 7.08 0.34 -6.38
CA LEU A 50 6.46 1.65 -6.34
C LEU A 50 7.28 2.60 -5.48
N LYS A 51 7.68 3.73 -6.06
CA LYS A 51 8.48 4.72 -5.34
C LYS A 51 7.60 5.59 -4.45
N TYR A 52 7.86 5.55 -3.15
CA TYR A 52 7.09 6.33 -2.19
C TYR A 52 7.36 7.82 -2.36
N GLN A 53 6.29 8.61 -2.38
CA GLN A 53 6.40 10.05 -2.52
C GLN A 53 5.53 10.77 -1.49
N GLU A 54 6.02 11.88 -0.97
CA GLU A 54 5.29 12.65 0.03
C GLU A 54 4.32 13.64 -0.62
N ASN A 55 3.59 13.17 -1.62
CA ASN A 55 2.64 14.02 -2.33
C ASN A 55 1.26 13.93 -1.67
N ALA A 56 0.68 12.74 -1.67
CA ALA A 56 -0.63 12.52 -1.09
C ALA A 56 -0.53 12.26 0.42
N TYR A 57 0.69 12.12 0.92
CA TYR A 57 0.90 11.86 2.34
C TYR A 57 1.45 13.11 3.04
N ARG A 58 1.06 14.27 2.55
CA ARG A 58 1.51 15.53 3.14
C ARG A 58 0.33 16.45 3.42
N GLN A 59 -0.11 16.48 4.68
CA GLN A 59 -1.23 17.31 5.08
C GLN A 59 -0.92 18.05 6.38
N ALA A 60 -0.20 19.16 6.27
CA ALA A 60 0.17 19.96 7.44
C ALA A 60 0.43 21.41 7.05
N ALA A 61 -0.60 22.08 6.57
CA ALA A 61 -0.49 23.47 6.17
C ALA A 61 -1.70 24.29 6.62
N MET A 1 0.25 6.74 -3.88
CA MET A 1 0.03 5.31 -4.22
C MET A 1 -1.44 4.93 -4.06
N TYR A 2 -2.06 4.52 -5.18
CA TYR A 2 -3.46 4.13 -5.16
C TYR A 2 -3.59 2.63 -4.92
N LYS A 3 -4.66 2.24 -4.21
CA LYS A 3 -4.90 0.84 -3.92
C LYS A 3 -4.91 0.00 -5.19
N LYS A 4 -5.31 0.61 -6.29
CA LYS A 4 -5.37 -0.07 -7.58
C LYS A 4 -3.98 -0.55 -7.99
N ASP A 5 -2.98 0.28 -7.75
CA ASP A 5 -1.60 -0.05 -8.10
C ASP A 5 -1.10 -1.22 -7.27
N VAL A 6 -1.20 -1.09 -5.94
CA VAL A 6 -0.77 -2.13 -5.03
C VAL A 6 -1.41 -3.47 -5.37
N ILE A 7 -2.73 -3.47 -5.50
CA ILE A 7 -3.47 -4.68 -5.83
C ILE A 7 -3.03 -5.25 -7.18
N ASP A 8 -2.53 -4.37 -8.06
CA ASP A 8 -2.07 -4.79 -9.37
C ASP A 8 -0.71 -5.46 -9.26
N HIS A 9 0.05 -5.08 -8.24
CA HIS A 9 1.38 -5.64 -8.03
C HIS A 9 1.27 -6.94 -7.21
N PHE A 10 0.30 -6.99 -6.31
CA PHE A 10 0.10 -8.17 -5.48
C PHE A 10 -0.86 -9.14 -6.13
N GLY A 11 -1.89 -8.62 -6.78
CA GLY A 11 -2.87 -9.46 -7.44
C GLY A 11 -4.08 -9.71 -6.57
N THR A 12 -3.85 -9.84 -5.26
CA THR A 12 -4.92 -10.09 -4.31
C THR A 12 -4.64 -9.40 -2.99
N GLN A 13 -5.68 -8.89 -2.35
CA GLN A 13 -5.54 -8.19 -1.07
C GLN A 13 -4.78 -9.05 -0.06
N ARG A 14 -5.19 -10.30 0.08
CA ARG A 14 -4.55 -11.22 1.00
C ARG A 14 -3.03 -11.21 0.85
N ALA A 15 -2.56 -11.12 -0.38
CA ALA A 15 -1.13 -11.09 -0.67
C ALA A 15 -0.46 -9.90 0.02
N VAL A 16 -1.05 -8.73 -0.13
CA VAL A 16 -0.52 -7.52 0.47
C VAL A 16 -0.43 -7.65 1.98
N ALA A 17 -1.52 -8.09 2.60
CA ALA A 17 -1.56 -8.26 4.05
C ALA A 17 -0.47 -9.22 4.52
N LYS A 18 -0.24 -10.28 3.75
CA LYS A 18 0.77 -11.27 4.08
C LYS A 18 2.17 -10.69 3.94
N ALA A 19 2.33 -9.74 3.03
CA ALA A 19 3.63 -9.11 2.80
C ALA A 19 3.90 -8.02 3.83
N LEU A 20 2.89 -7.20 4.11
CA LEU A 20 3.03 -6.12 5.07
C LEU A 20 2.89 -6.65 6.50
N GLY A 21 2.09 -7.70 6.66
CA GLY A 21 1.88 -8.28 7.98
C GLY A 21 0.53 -7.96 8.56
N ILE A 22 -0.22 -7.07 7.89
CA ILE A 22 -1.55 -6.68 8.36
C ILE A 22 -2.59 -7.73 7.99
N SER A 23 -3.83 -7.49 8.41
CA SER A 23 -4.93 -8.42 8.12
C SER A 23 -5.53 -8.12 6.76
N ASP A 24 -6.22 -9.11 6.20
CA ASP A 24 -6.86 -8.98 4.89
C ASP A 24 -7.88 -7.84 4.92
N ALA A 25 -8.49 -7.62 6.08
CA ALA A 25 -9.48 -6.57 6.22
C ALA A 25 -8.86 -5.19 6.06
N ALA A 26 -7.66 -5.03 6.60
CA ALA A 26 -6.95 -3.75 6.51
C ALA A 26 -6.72 -3.35 5.06
N VAL A 27 -6.31 -4.31 4.23
CA VAL A 27 -6.06 -4.05 2.83
C VAL A 27 -7.36 -3.76 2.08
N SER A 28 -8.43 -4.43 2.50
CA SER A 28 -9.73 -4.24 1.86
C SER A 28 -10.34 -2.90 2.24
N GLN A 29 -10.02 -2.43 3.44
CA GLN A 29 -10.53 -1.16 3.92
C GLN A 29 -9.81 0.01 3.25
N TRP A 30 -8.67 -0.27 2.63
CA TRP A 30 -7.89 0.77 1.96
C TRP A 30 -8.75 1.56 0.98
N LYS A 31 -8.75 2.87 1.13
CA LYS A 31 -9.53 3.73 0.26
C LYS A 31 -8.80 3.96 -1.07
N GLU A 32 -9.22 4.98 -1.82
CA GLU A 32 -8.59 5.29 -3.10
C GLU A 32 -7.08 5.39 -2.96
N VAL A 33 -6.64 5.88 -1.80
CA VAL A 33 -5.21 6.04 -1.53
C VAL A 33 -4.82 5.34 -0.23
N ILE A 34 -3.77 4.52 -0.29
CA ILE A 34 -3.30 3.80 0.88
C ILE A 34 -2.75 4.74 1.94
N PRO A 35 -2.62 4.28 3.19
CA PRO A 35 -2.08 5.10 4.29
C PRO A 35 -0.70 5.64 3.97
N GLU A 36 -0.29 6.67 4.70
CA GLU A 36 1.02 7.28 4.50
C GLU A 36 2.15 6.35 4.92
N LYS A 37 1.89 5.53 5.93
CA LYS A 37 2.89 4.60 6.43
C LYS A 37 2.82 3.25 5.70
N ASP A 38 1.72 3.00 5.02
CA ASP A 38 1.56 1.76 4.29
C ASP A 38 2.28 1.83 2.95
N ALA A 39 2.17 2.97 2.28
CA ALA A 39 2.82 3.18 1.00
C ALA A 39 4.33 3.03 1.13
N TYR A 40 4.87 3.31 2.31
CA TYR A 40 6.30 3.21 2.56
C TYR A 40 6.74 1.75 2.65
N ARG A 41 6.00 0.95 3.42
CA ARG A 41 6.31 -0.46 3.60
C ARG A 41 6.24 -1.22 2.28
N LEU A 42 5.34 -0.78 1.40
CA LEU A 42 5.17 -1.43 0.10
C LEU A 42 6.47 -1.42 -0.70
N GLU A 43 7.18 -0.30 -0.65
CA GLU A 43 8.45 -0.16 -1.37
C GLU A 43 9.48 -1.18 -0.90
N ILE A 44 9.25 -1.76 0.28
CA ILE A 44 10.17 -2.74 0.84
C ILE A 44 9.76 -4.17 0.47
N VAL A 45 8.49 -4.48 0.68
CA VAL A 45 7.98 -5.81 0.38
C VAL A 45 8.03 -6.08 -1.12
N THR A 46 7.72 -5.06 -1.91
CA THR A 46 7.72 -5.19 -3.36
C THR A 46 9.15 -5.09 -3.94
N ALA A 47 10.14 -5.02 -3.06
CA ALA A 47 11.53 -4.92 -3.50
C ALA A 47 11.78 -3.60 -4.24
N GLY A 48 11.06 -2.57 -3.84
CA GLY A 48 11.21 -1.27 -4.47
C GLY A 48 10.43 -1.16 -5.77
N ALA A 49 9.38 -1.95 -5.89
CA ALA A 49 8.54 -1.93 -7.09
C ALA A 49 7.80 -0.60 -7.22
N LEU A 50 7.05 -0.25 -6.18
CA LEU A 50 6.29 1.00 -6.18
C LEU A 50 7.11 2.13 -5.57
N LYS A 51 7.14 3.27 -6.25
CA LYS A 51 7.88 4.42 -5.78
C LYS A 51 7.07 5.24 -4.79
N TYR A 52 7.30 5.01 -3.50
CA TYR A 52 6.58 5.72 -2.45
C TYR A 52 6.86 7.22 -2.55
N GLN A 53 5.80 8.02 -2.46
CA GLN A 53 5.93 9.46 -2.53
C GLN A 53 5.08 10.15 -1.47
N GLU A 54 5.75 10.75 -0.49
CA GLU A 54 5.04 11.45 0.59
C GLU A 54 4.25 12.63 0.05
N ASN A 55 4.54 13.04 -1.18
CA ASN A 55 3.85 14.17 -1.81
C ASN A 55 2.34 14.00 -1.71
N ALA A 56 1.86 12.80 -2.00
CA ALA A 56 0.42 12.51 -1.93
C ALA A 56 0.03 12.01 -0.55
N TYR A 57 0.93 12.16 0.42
CA TYR A 57 0.68 11.73 1.78
C TYR A 57 1.06 12.81 2.78
N ARG A 58 1.03 14.06 2.33
CA ARG A 58 1.37 15.20 3.18
C ARG A 58 0.21 16.18 3.26
N GLN A 59 -0.41 16.45 2.11
CA GLN A 59 -1.53 17.38 2.05
C GLN A 59 -2.48 17.00 0.93
N ALA A 60 -2.64 15.70 0.69
CA ALA A 60 -3.53 15.21 -0.36
C ALA A 60 -4.65 14.36 0.22
N ALA A 61 -5.88 14.71 -0.12
CA ALA A 61 -7.04 13.99 0.37
C ALA A 61 -8.13 13.91 -0.70
N MET A 1 0.97 5.78 -3.32
CA MET A 1 0.26 5.58 -4.62
C MET A 1 -1.20 5.18 -4.39
N TYR A 2 -1.91 4.92 -5.49
CA TYR A 2 -3.31 4.54 -5.42
C TYR A 2 -3.45 3.04 -5.16
N LYS A 3 -4.42 2.68 -4.34
CA LYS A 3 -4.67 1.27 -4.02
C LYS A 3 -4.90 0.44 -5.28
N LYS A 4 -5.43 1.09 -6.31
CA LYS A 4 -5.70 0.42 -7.58
C LYS A 4 -4.43 -0.18 -8.18
N ASP A 5 -3.29 0.42 -7.84
CA ASP A 5 -2.00 -0.06 -8.34
C ASP A 5 -1.47 -1.21 -7.49
N VAL A 6 -1.53 -1.04 -6.17
CA VAL A 6 -1.06 -2.06 -5.24
C VAL A 6 -1.70 -3.40 -5.52
N ILE A 7 -3.03 -3.43 -5.53
CA ILE A 7 -3.77 -4.66 -5.77
C ILE A 7 -3.38 -5.28 -7.11
N ASP A 8 -2.92 -4.45 -8.04
CA ASP A 8 -2.51 -4.92 -9.35
C ASP A 8 -1.11 -5.53 -9.28
N HIS A 9 -0.32 -5.05 -8.33
CA HIS A 9 1.04 -5.55 -8.15
C HIS A 9 1.04 -6.78 -7.26
N PHE A 10 0.07 -6.86 -6.34
CA PHE A 10 -0.04 -7.98 -5.43
C PHE A 10 -1.03 -9.01 -5.95
N GLY A 11 -2.02 -8.56 -6.71
CA GLY A 11 -3.01 -9.46 -7.25
C GLY A 11 -4.19 -9.63 -6.31
N THR A 12 -3.89 -9.98 -5.07
CA THR A 12 -4.93 -10.17 -4.05
C THR A 12 -4.55 -9.46 -2.77
N GLN A 13 -5.54 -8.86 -2.11
CA GLN A 13 -5.31 -8.14 -0.86
C GLN A 13 -4.52 -8.99 0.13
N ARG A 14 -4.93 -10.25 0.29
CA ARG A 14 -4.27 -11.16 1.21
C ARG A 14 -2.76 -11.14 1.03
N ALA A 15 -2.32 -10.92 -0.20
CA ALA A 15 -0.89 -10.86 -0.51
C ALA A 15 -0.23 -9.67 0.18
N VAL A 16 -0.82 -8.49 0.00
CA VAL A 16 -0.29 -7.27 0.61
C VAL A 16 -0.25 -7.39 2.13
N ALA A 17 -1.31 -7.96 2.69
CA ALA A 17 -1.40 -8.13 4.14
C ALA A 17 -0.23 -8.95 4.67
N LYS A 18 0.23 -9.89 3.86
CA LYS A 18 1.35 -10.75 4.26
C LYS A 18 2.68 -10.01 4.09
N ALA A 19 2.73 -9.11 3.12
CA ALA A 19 3.94 -8.33 2.87
C ALA A 19 4.16 -7.27 3.94
N LEU A 20 3.11 -6.51 4.23
CA LEU A 20 3.17 -5.46 5.24
C LEU A 20 3.06 -6.04 6.65
N GLY A 21 2.28 -7.11 6.78
CA GLY A 21 2.11 -7.75 8.07
C GLY A 21 0.82 -7.32 8.75
N ILE A 22 -0.18 -6.95 7.95
CA ILE A 22 -1.47 -6.53 8.48
C ILE A 22 -2.57 -7.52 8.12
N SER A 23 -3.79 -7.23 8.56
CA SER A 23 -4.93 -8.10 8.28
C SER A 23 -5.47 -7.85 6.88
N ASP A 24 -6.02 -8.90 6.27
CA ASP A 24 -6.58 -8.79 4.93
C ASP A 24 -7.69 -7.76 4.88
N ALA A 25 -8.41 -7.61 5.98
CA ALA A 25 -9.51 -6.66 6.06
C ALA A 25 -9.00 -5.23 5.90
N ALA A 26 -7.89 -4.93 6.55
CA ALA A 26 -7.29 -3.59 6.48
C ALA A 26 -6.95 -3.22 5.05
N VAL A 27 -6.52 -4.21 4.27
CA VAL A 27 -6.16 -3.99 2.87
C VAL A 27 -7.39 -3.61 2.04
N SER A 28 -8.44 -4.40 2.16
CA SER A 28 -9.68 -4.15 1.42
C SER A 28 -10.32 -2.84 1.88
N GLN A 29 -10.13 -2.50 3.15
CA GLN A 29 -10.68 -1.28 3.71
C GLN A 29 -10.03 -0.04 3.10
N TRP A 30 -8.85 -0.22 2.51
CA TRP A 30 -8.13 0.88 1.88
C TRP A 30 -9.01 1.65 0.91
N LYS A 31 -8.76 2.94 0.79
CA LYS A 31 -9.54 3.79 -0.12
C LYS A 31 -8.82 3.93 -1.45
N GLU A 32 -9.24 4.93 -2.24
CA GLU A 32 -8.64 5.17 -3.55
C GLU A 32 -7.12 5.24 -3.44
N VAL A 33 -6.63 5.68 -2.29
CA VAL A 33 -5.20 5.80 -2.05
C VAL A 33 -4.79 5.07 -0.79
N ILE A 34 -3.68 4.33 -0.85
CA ILE A 34 -3.19 3.59 0.30
C ILE A 34 -2.65 4.52 1.38
N PRO A 35 -2.70 4.09 2.66
CA PRO A 35 -2.23 4.89 3.79
C PRO A 35 -0.81 5.40 3.58
N GLU A 36 -0.27 6.07 4.59
CA GLU A 36 1.08 6.62 4.51
C GLU A 36 2.12 5.57 4.93
N LYS A 37 1.89 4.93 6.07
CA LYS A 37 2.81 3.91 6.58
C LYS A 37 2.75 2.64 5.74
N ASP A 38 1.66 2.46 5.01
CA ASP A 38 1.51 1.28 4.18
C ASP A 38 2.28 1.45 2.88
N ALA A 39 2.13 2.61 2.25
CA ALA A 39 2.83 2.90 1.00
C ALA A 39 4.33 2.86 1.20
N TYR A 40 4.77 3.11 2.44
CA TYR A 40 6.21 3.11 2.75
C TYR A 40 6.76 1.68 2.71
N ARG A 41 6.22 0.81 3.53
CA ARG A 41 6.67 -0.58 3.60
C ARG A 41 6.44 -1.30 2.27
N LEU A 42 5.41 -0.87 1.54
CA LEU A 42 5.08 -1.47 0.26
C LEU A 42 6.28 -1.45 -0.70
N GLU A 43 7.04 -0.36 -0.64
CA GLU A 43 8.21 -0.21 -1.50
C GLU A 43 9.30 -1.23 -1.14
N ILE A 44 9.27 -1.72 0.10
CA ILE A 44 10.25 -2.69 0.57
C ILE A 44 9.84 -4.12 0.20
N VAL A 45 8.59 -4.47 0.52
CA VAL A 45 8.08 -5.81 0.24
C VAL A 45 8.11 -6.11 -1.25
N THR A 46 7.81 -5.10 -2.07
CA THR A 46 7.79 -5.24 -3.50
C THR A 46 9.20 -5.18 -4.10
N ALA A 47 10.22 -5.17 -3.25
CA ALA A 47 11.60 -5.13 -3.71
C ALA A 47 11.90 -3.80 -4.41
N GLY A 48 11.21 -2.75 -3.99
CA GLY A 48 11.42 -1.44 -4.58
C GLY A 48 10.69 -1.28 -5.91
N ALA A 49 9.84 -2.24 -6.25
CA ALA A 49 9.09 -2.18 -7.50
C ALA A 49 8.15 -0.99 -7.51
N LEU A 50 7.54 -0.71 -6.37
CA LEU A 50 6.61 0.40 -6.23
C LEU A 50 7.24 1.53 -5.43
N LYS A 51 7.31 2.71 -6.04
CA LYS A 51 7.90 3.88 -5.38
C LYS A 51 6.91 4.52 -4.43
N TYR A 52 7.38 4.86 -3.23
CA TYR A 52 6.53 5.48 -2.22
C TYR A 52 6.63 7.01 -2.31
N GLN A 53 5.47 7.66 -2.40
CA GLN A 53 5.42 9.11 -2.48
C GLN A 53 4.67 9.70 -1.29
N GLU A 54 5.41 10.34 -0.39
CA GLU A 54 4.82 10.95 0.79
C GLU A 54 4.18 12.30 0.47
N ASN A 55 4.18 12.68 -0.81
CA ASN A 55 3.59 13.95 -1.23
C ASN A 55 2.15 14.07 -0.72
N ALA A 56 1.27 13.27 -1.30
CA ALA A 56 -0.13 13.29 -0.91
C ALA A 56 -0.31 12.83 0.53
N TYR A 57 0.73 12.18 1.07
CA TYR A 57 0.69 11.69 2.44
C TYR A 57 1.31 12.70 3.41
N ARG A 58 1.40 13.95 2.98
CA ARG A 58 1.97 15.00 3.82
C ARG A 58 0.91 15.60 4.74
N GLN A 59 -0.34 15.61 4.28
CA GLN A 59 -1.44 16.16 5.06
C GLN A 59 -2.75 15.44 4.72
N ALA A 60 -3.32 14.76 5.72
CA ALA A 60 -4.57 14.03 5.52
C ALA A 60 -5.77 14.90 5.88
N ALA A 61 -5.89 15.24 7.16
CA ALA A 61 -7.00 16.07 7.63
C ALA A 61 -6.53 17.07 8.67
N MET A 1 0.28 6.64 -3.74
CA MET A 1 -0.22 5.76 -4.84
C MET A 1 -1.60 5.21 -4.51
N TYR A 2 -2.33 4.83 -5.56
CA TYR A 2 -3.67 4.30 -5.39
C TYR A 2 -3.63 2.81 -5.06
N LYS A 3 -4.71 2.30 -4.47
CA LYS A 3 -4.79 0.89 -4.11
C LYS A 3 -4.78 0.00 -5.35
N LYS A 4 -5.38 0.50 -6.42
CA LYS A 4 -5.45 -0.25 -7.68
C LYS A 4 -4.07 -0.74 -8.10
N ASP A 5 -3.08 0.14 -8.03
CA ASP A 5 -1.71 -0.20 -8.40
C ASP A 5 -1.18 -1.34 -7.54
N VAL A 6 -1.27 -1.16 -6.22
CA VAL A 6 -0.81 -2.16 -5.28
C VAL A 6 -1.50 -3.51 -5.54
N ILE A 7 -2.82 -3.47 -5.64
CA ILE A 7 -3.60 -4.68 -5.89
C ILE A 7 -3.18 -5.34 -7.20
N ASP A 8 -2.74 -4.54 -8.14
CA ASP A 8 -2.31 -5.04 -9.44
C ASP A 8 -0.92 -5.65 -9.34
N HIS A 9 -0.15 -5.19 -8.36
CA HIS A 9 1.21 -5.69 -8.15
C HIS A 9 1.18 -6.97 -7.32
N PHE A 10 0.20 -7.07 -6.42
CA PHE A 10 0.07 -8.24 -5.56
C PHE A 10 -0.90 -9.26 -6.17
N GLY A 11 -1.99 -8.76 -6.74
CA GLY A 11 -2.98 -9.64 -7.35
C GLY A 11 -4.12 -9.96 -6.40
N THR A 12 -3.82 -10.02 -5.11
CA THR A 12 -4.82 -10.32 -4.10
C THR A 12 -4.52 -9.58 -2.80
N GLN A 13 -5.56 -9.20 -2.07
CA GLN A 13 -5.40 -8.48 -0.81
C GLN A 13 -4.53 -9.29 0.16
N ARG A 14 -4.90 -10.56 0.35
CA ARG A 14 -4.16 -11.44 1.26
C ARG A 14 -2.65 -11.31 1.08
N ALA A 15 -2.22 -11.23 -0.18
CA ALA A 15 -0.79 -11.09 -0.47
C ALA A 15 -0.23 -9.83 0.15
N VAL A 16 -0.89 -8.71 -0.08
CA VAL A 16 -0.45 -7.43 0.46
C VAL A 16 -0.36 -7.48 1.99
N ALA A 17 -1.40 -8.01 2.61
CA ALA A 17 -1.45 -8.11 4.07
C ALA A 17 -0.25 -8.89 4.60
N LYS A 18 0.11 -9.97 3.89
CA LYS A 18 1.24 -10.79 4.30
C LYS A 18 2.56 -10.07 4.05
N ALA A 19 2.57 -9.19 3.06
CA ALA A 19 3.77 -8.43 2.72
C ALA A 19 4.03 -7.33 3.74
N LEU A 20 3.03 -6.50 3.98
CA LEU A 20 3.15 -5.40 4.94
C LEU A 20 2.98 -5.90 6.37
N GLY A 21 2.12 -6.90 6.54
CA GLY A 21 1.88 -7.46 7.85
C GLY A 21 0.76 -6.74 8.59
N ILE A 22 -0.36 -6.56 7.90
CA ILE A 22 -1.52 -5.89 8.50
C ILE A 22 -2.67 -6.86 8.70
N SER A 23 -3.61 -6.89 7.75
CA SER A 23 -4.76 -7.78 7.84
C SER A 23 -5.61 -7.68 6.58
N ASP A 24 -6.35 -8.75 6.29
CA ASP A 24 -7.21 -8.78 5.12
C ASP A 24 -8.26 -7.66 5.16
N ALA A 25 -8.49 -7.11 6.35
CA ALA A 25 -9.46 -6.05 6.52
C ALA A 25 -8.85 -4.69 6.15
N ALA A 26 -7.63 -4.45 6.63
CA ALA A 26 -6.95 -3.19 6.34
C ALA A 26 -6.79 -2.98 4.84
N VAL A 27 -6.39 -4.03 4.13
CA VAL A 27 -6.20 -3.97 2.69
C VAL A 27 -7.52 -3.72 1.98
N SER A 28 -8.57 -4.42 2.40
CA SER A 28 -9.88 -4.27 1.80
C SER A 28 -10.49 -2.91 2.14
N GLN A 29 -10.11 -2.36 3.30
CA GLN A 29 -10.62 -1.07 3.74
C GLN A 29 -9.86 0.07 3.08
N TRP A 30 -8.74 -0.25 2.42
CA TRP A 30 -7.93 0.77 1.74
C TRP A 30 -8.78 1.60 0.77
N LYS A 31 -8.70 2.92 0.91
CA LYS A 31 -9.45 3.82 0.05
C LYS A 31 -8.72 4.06 -1.27
N GLU A 32 -9.16 5.06 -2.01
CA GLU A 32 -8.55 5.40 -3.29
C GLU A 32 -7.02 5.50 -3.15
N VAL A 33 -6.56 5.86 -1.96
CA VAL A 33 -5.13 5.99 -1.71
C VAL A 33 -4.71 5.18 -0.49
N ILE A 34 -3.62 4.43 -0.63
CA ILE A 34 -3.12 3.60 0.47
C ILE A 34 -2.57 4.47 1.60
N PRO A 35 -2.62 3.96 2.84
CA PRO A 35 -2.12 4.68 4.02
C PRO A 35 -0.68 5.16 3.83
N GLU A 36 -0.27 6.10 4.67
CA GLU A 36 1.08 6.65 4.59
C GLU A 36 2.13 5.61 4.98
N LYS A 37 1.86 4.88 6.07
CA LYS A 37 2.79 3.86 6.55
C LYS A 37 2.71 2.59 5.71
N ASP A 38 1.61 2.44 4.97
CA ASP A 38 1.44 1.28 4.11
C ASP A 38 2.21 1.44 2.81
N ALA A 39 2.10 2.62 2.22
CA ALA A 39 2.81 2.92 0.98
C ALA A 39 4.32 2.82 1.16
N TYR A 40 4.78 3.03 2.40
CA TYR A 40 6.21 2.96 2.70
C TYR A 40 6.72 1.53 2.61
N ARG A 41 6.08 0.63 3.35
CA ARG A 41 6.48 -0.77 3.36
C ARG A 41 6.43 -1.38 1.96
N LEU A 42 5.56 -0.84 1.12
CA LEU A 42 5.40 -1.32 -0.24
C LEU A 42 6.76 -1.42 -0.96
N GLU A 43 7.54 -0.35 -0.86
CA GLU A 43 8.85 -0.31 -1.49
C GLU A 43 9.76 -1.42 -0.97
N ILE A 44 9.42 -1.96 0.19
CA ILE A 44 10.21 -3.04 0.79
C ILE A 44 9.71 -4.42 0.35
N VAL A 45 8.40 -4.62 0.46
CA VAL A 45 7.79 -5.89 0.09
C VAL A 45 7.88 -6.13 -1.42
N THR A 46 7.67 -5.08 -2.19
CA THR A 46 7.72 -5.17 -3.64
C THR A 46 9.17 -5.15 -4.16
N ALA A 47 10.13 -5.10 -3.24
CA ALA A 47 11.54 -5.08 -3.61
C ALA A 47 11.89 -3.78 -4.34
N GLY A 48 11.19 -2.70 -3.99
CA GLY A 48 11.45 -1.42 -4.62
C GLY A 48 10.72 -1.27 -5.95
N ALA A 49 9.61 -1.97 -6.10
CA ALA A 49 8.83 -1.92 -7.32
C ALA A 49 7.86 -0.74 -7.30
N LEU A 50 7.27 -0.50 -6.12
CA LEU A 50 6.33 0.60 -5.95
C LEU A 50 7.01 1.82 -5.33
N LYS A 51 6.92 2.95 -6.01
CA LYS A 51 7.54 4.18 -5.52
C LYS A 51 6.67 4.84 -4.45
N TYR A 52 7.24 5.03 -3.26
CA TYR A 52 6.51 5.65 -2.16
C TYR A 52 6.77 7.15 -2.12
N GLN A 53 5.70 7.93 -2.09
CA GLN A 53 5.81 9.38 -2.06
C GLN A 53 4.94 9.97 -0.95
N GLU A 54 5.57 10.60 0.03
CA GLU A 54 4.86 11.21 1.14
C GLU A 54 4.09 12.46 0.72
N ASN A 55 4.27 12.88 -0.54
CA ASN A 55 3.59 14.06 -1.06
C ASN A 55 2.10 14.04 -0.70
N ALA A 56 1.38 13.10 -1.31
CA ALA A 56 -0.05 12.98 -1.06
C ALA A 56 -0.31 12.54 0.38
N TYR A 57 0.73 12.04 1.05
CA TYR A 57 0.60 11.58 2.42
C TYR A 57 1.11 12.64 3.40
N ARG A 58 1.07 13.90 2.98
CA ARG A 58 1.52 14.99 3.82
C ARG A 58 0.33 15.80 4.34
N GLN A 59 0.49 16.39 5.52
CA GLN A 59 -0.58 17.18 6.12
C GLN A 59 -0.54 18.62 5.61
N ALA A 60 -1.62 19.02 4.95
CA ALA A 60 -1.72 20.37 4.40
C ALA A 60 -3.17 20.75 4.13
N ALA A 61 -3.77 21.50 5.07
CA ALA A 61 -5.14 21.93 4.93
C ALA A 61 -5.24 23.27 4.22
N MET A 1 0.47 6.31 -3.77
CA MET A 1 0.28 4.87 -4.05
C MET A 1 -1.19 4.47 -3.93
N TYR A 2 -1.76 4.00 -5.04
CA TYR A 2 -3.16 3.59 -5.06
C TYR A 2 -3.30 2.12 -4.70
N LYS A 3 -4.43 1.77 -4.10
CA LYS A 3 -4.70 0.40 -3.69
C LYS A 3 -4.79 -0.53 -4.91
N LYS A 4 -5.35 -0.01 -6.00
CA LYS A 4 -5.50 -0.77 -7.23
C LYS A 4 -4.14 -1.27 -7.73
N ASP A 5 -3.14 -0.41 -7.67
CA ASP A 5 -1.79 -0.76 -8.11
C ASP A 5 -1.22 -1.89 -7.26
N VAL A 6 -1.27 -1.73 -5.94
CA VAL A 6 -0.76 -2.73 -5.02
C VAL A 6 -1.40 -4.09 -5.27
N ILE A 7 -2.72 -4.11 -5.38
CA ILE A 7 -3.45 -5.34 -5.62
C ILE A 7 -3.08 -5.97 -6.97
N ASP A 8 -2.82 -5.11 -7.95
CA ASP A 8 -2.45 -5.57 -9.28
C ASP A 8 -0.99 -6.03 -9.31
N HIS A 9 -0.20 -5.49 -8.38
CA HIS A 9 1.21 -5.84 -8.30
C HIS A 9 1.39 -7.13 -7.50
N PHE A 10 0.44 -7.43 -6.63
CA PHE A 10 0.51 -8.63 -5.80
C PHE A 10 -0.29 -9.77 -6.44
N GLY A 11 -1.52 -9.47 -6.84
CA GLY A 11 -2.36 -10.48 -7.45
C GLY A 11 -3.68 -10.65 -6.72
N THR A 12 -3.67 -10.38 -5.43
CA THR A 12 -4.87 -10.51 -4.60
C THR A 12 -4.84 -9.54 -3.44
N GLN A 13 -5.88 -9.57 -2.61
CA GLN A 13 -5.97 -8.69 -1.46
C GLN A 13 -5.25 -9.28 -0.25
N ARG A 14 -5.60 -10.51 0.08
CA ARG A 14 -4.99 -11.19 1.22
C ARG A 14 -3.46 -11.22 1.08
N ALA A 15 -2.98 -11.21 -0.16
CA ALA A 15 -1.55 -11.23 -0.43
C ALA A 15 -0.88 -9.98 0.12
N VAL A 16 -1.50 -8.83 -0.14
CA VAL A 16 -0.97 -7.55 0.31
C VAL A 16 -0.84 -7.51 1.82
N ALA A 17 -1.71 -8.26 2.51
CA ALA A 17 -1.70 -8.30 3.96
C ALA A 17 -0.54 -9.15 4.49
N LYS A 18 -0.05 -10.07 3.66
CA LYS A 18 1.05 -10.93 4.06
C LYS A 18 2.40 -10.33 3.69
N ALA A 19 2.43 -9.02 3.48
CA ALA A 19 3.66 -8.32 3.12
C ALA A 19 4.01 -7.24 4.15
N LEU A 20 3.00 -6.50 4.60
CA LEU A 20 3.20 -5.45 5.58
C LEU A 20 2.95 -5.96 6.98
N GLY A 21 2.06 -6.95 7.11
CA GLY A 21 1.75 -7.52 8.41
C GLY A 21 0.36 -7.14 8.87
N ILE A 22 -0.58 -7.05 7.94
CA ILE A 22 -1.95 -6.69 8.28
C ILE A 22 -2.92 -7.76 7.79
N SER A 23 -4.21 -7.52 7.99
CA SER A 23 -5.25 -8.46 7.58
C SER A 23 -5.88 -8.03 6.26
N ASP A 24 -6.80 -8.85 5.76
CA ASP A 24 -7.47 -8.56 4.50
C ASP A 24 -8.41 -7.37 4.66
N ALA A 25 -8.95 -7.20 5.88
CA ALA A 25 -9.86 -6.11 6.16
C ALA A 25 -9.18 -4.75 6.01
N ALA A 26 -8.00 -4.62 6.60
CA ALA A 26 -7.24 -3.38 6.53
C ALA A 26 -6.93 -3.00 5.08
N VAL A 27 -6.77 -4.01 4.23
CA VAL A 27 -6.47 -3.79 2.82
C VAL A 27 -7.71 -3.32 2.07
N SER A 28 -8.84 -3.97 2.33
CA SER A 28 -10.09 -3.60 1.67
C SER A 28 -10.57 -2.23 2.13
N GLN A 29 -10.24 -1.87 3.37
CA GLN A 29 -10.63 -0.59 3.92
C GLN A 29 -9.82 0.55 3.32
N TRP A 30 -8.67 0.22 2.74
CA TRP A 30 -7.80 1.23 2.13
C TRP A 30 -8.57 2.08 1.13
N LYS A 31 -8.33 3.39 1.17
CA LYS A 31 -9.00 4.32 0.28
C LYS A 31 -8.23 4.45 -1.05
N GLU A 32 -8.58 5.45 -1.84
CA GLU A 32 -7.92 5.69 -3.11
C GLU A 32 -6.40 5.67 -2.95
N VAL A 33 -5.94 6.06 -1.77
CA VAL A 33 -4.51 6.08 -1.48
C VAL A 33 -4.21 5.38 -0.16
N ILE A 34 -3.46 4.27 -0.23
CA ILE A 34 -3.11 3.51 0.96
C ILE A 34 -2.49 4.40 2.03
N PRO A 35 -2.49 3.94 3.30
CA PRO A 35 -1.94 4.70 4.42
C PRO A 35 -0.54 5.22 4.13
N GLU A 36 0.00 5.99 5.07
CA GLU A 36 1.34 6.54 4.92
C GLU A 36 2.41 5.54 5.32
N LYS A 37 2.08 4.68 6.28
CA LYS A 37 3.02 3.66 6.76
C LYS A 37 2.90 2.39 5.95
N ASP A 38 1.76 2.19 5.29
CA ASP A 38 1.54 0.99 4.49
C ASP A 38 2.22 1.12 3.13
N ALA A 39 2.11 2.31 2.54
CA ALA A 39 2.71 2.57 1.24
C ALA A 39 4.24 2.59 1.34
N TYR A 40 4.74 2.91 2.53
CA TYR A 40 6.17 2.96 2.75
C TYR A 40 6.79 1.57 2.69
N ARG A 41 6.34 0.68 3.57
CA ARG A 41 6.85 -0.68 3.62
C ARG A 41 6.69 -1.38 2.26
N LEU A 42 5.68 -0.96 1.51
CA LEU A 42 5.43 -1.54 0.19
C LEU A 42 6.64 -1.38 -0.71
N GLU A 43 7.21 -0.18 -0.74
CA GLU A 43 8.37 0.09 -1.57
C GLU A 43 9.49 -0.91 -1.31
N ILE A 44 9.54 -1.43 -0.09
CA ILE A 44 10.56 -2.40 0.29
C ILE A 44 10.10 -3.82 -0.04
N VAL A 45 8.85 -4.12 0.29
CA VAL A 45 8.28 -5.43 0.04
C VAL A 45 8.23 -5.74 -1.46
N THR A 46 7.91 -4.71 -2.24
CA THR A 46 7.82 -4.86 -3.69
C THR A 46 9.21 -4.82 -4.34
N ALA A 47 10.26 -4.72 -3.53
CA ALA A 47 11.62 -4.67 -4.06
C ALA A 47 11.89 -3.38 -4.81
N GLY A 48 11.36 -2.27 -4.28
CA GLY A 48 11.55 -0.99 -4.91
C GLY A 48 10.75 -0.84 -6.19
N ALA A 49 9.66 -1.58 -6.30
CA ALA A 49 8.81 -1.53 -7.49
C ALA A 49 7.99 -0.24 -7.50
N LEU A 50 7.31 0.03 -6.40
CA LEU A 50 6.48 1.22 -6.29
C LEU A 50 7.30 2.39 -5.72
N LYS A 51 6.96 3.61 -6.14
CA LYS A 51 7.65 4.79 -5.67
C LYS A 51 6.80 5.56 -4.66
N TYR A 52 7.36 5.78 -3.48
CA TYR A 52 6.65 6.50 -2.41
C TYR A 52 6.72 8.01 -2.64
N GLN A 53 5.57 8.66 -2.56
CA GLN A 53 5.50 10.11 -2.76
C GLN A 53 4.80 10.79 -1.58
N GLU A 54 5.56 11.46 -0.74
CA GLU A 54 5.02 12.15 0.42
C GLU A 54 3.99 13.20 0.00
N ASN A 55 4.07 13.63 -1.26
CA ASN A 55 3.15 14.64 -1.78
C ASN A 55 1.70 14.25 -1.53
N ALA A 56 1.44 12.95 -1.45
CA ALA A 56 0.10 12.45 -1.21
C ALA A 56 -0.12 12.12 0.26
N TYR A 57 0.97 11.82 0.97
CA TYR A 57 0.91 11.48 2.37
C TYR A 57 1.26 12.69 3.25
N ARG A 58 0.97 13.88 2.74
CA ARG A 58 1.25 15.11 3.47
C ARG A 58 -0.04 15.84 3.84
N GLN A 59 -1.04 15.75 2.97
CA GLN A 59 -2.32 16.40 3.21
C GLN A 59 -3.21 15.53 4.09
N ALA A 60 -3.35 14.27 3.73
CA ALA A 60 -4.17 13.33 4.49
C ALA A 60 -3.47 12.00 4.68
N ALA A 61 -3.22 11.64 5.94
CA ALA A 61 -2.55 10.39 6.25
C ALA A 61 -3.43 9.49 7.11
N MET A 1 0.99 5.68 -3.85
CA MET A 1 0.57 4.29 -4.17
C MET A 1 -0.94 4.12 -4.03
N TYR A 2 -1.59 3.68 -5.10
CA TYR A 2 -3.03 3.47 -5.09
C TYR A 2 -3.38 2.03 -4.71
N LYS A 3 -4.51 1.86 -4.04
CA LYS A 3 -4.96 0.54 -3.61
C LYS A 3 -5.09 -0.40 -4.80
N LYS A 4 -5.42 0.16 -5.96
CA LYS A 4 -5.58 -0.63 -7.18
C LYS A 4 -4.24 -1.14 -7.68
N ASP A 5 -3.22 -0.26 -7.64
CA ASP A 5 -1.89 -0.63 -8.10
C ASP A 5 -1.32 -1.78 -7.26
N VAL A 6 -1.33 -1.61 -5.94
CA VAL A 6 -0.82 -2.63 -5.04
C VAL A 6 -1.49 -3.98 -5.28
N ILE A 7 -2.81 -3.97 -5.39
CA ILE A 7 -3.57 -5.20 -5.61
C ILE A 7 -3.24 -5.81 -6.97
N ASP A 8 -2.94 -4.95 -7.95
CA ASP A 8 -2.59 -5.40 -9.29
C ASP A 8 -1.16 -5.92 -9.32
N HIS A 9 -0.32 -5.39 -8.43
CA HIS A 9 1.07 -5.80 -8.36
C HIS A 9 1.22 -7.05 -7.50
N PHE A 10 0.29 -7.24 -6.57
CA PHE A 10 0.32 -8.40 -5.68
C PHE A 10 -0.49 -9.55 -6.25
N GLY A 11 -1.72 -9.24 -6.65
CA GLY A 11 -2.60 -10.26 -7.20
C GLY A 11 -3.85 -10.47 -6.36
N THR A 12 -3.74 -10.20 -5.07
CA THR A 12 -4.87 -10.35 -4.16
C THR A 12 -4.66 -9.53 -2.89
N GLN A 13 -5.75 -9.25 -2.19
CA GLN A 13 -5.69 -8.47 -0.95
C GLN A 13 -4.96 -9.24 0.14
N ARG A 14 -5.26 -10.53 0.25
CA ARG A 14 -4.63 -11.38 1.25
C ARG A 14 -3.11 -11.39 1.09
N ALA A 15 -2.65 -11.21 -0.14
CA ALA A 15 -1.22 -11.19 -0.42
C ALA A 15 -0.55 -9.97 0.20
N VAL A 16 -1.24 -8.84 0.17
CA VAL A 16 -0.71 -7.60 0.73
C VAL A 16 -0.77 -7.62 2.25
N ALA A 17 -1.81 -8.26 2.79
CA ALA A 17 -1.99 -8.36 4.23
C ALA A 17 -0.84 -9.12 4.88
N LYS A 18 -0.25 -10.04 4.12
CA LYS A 18 0.85 -10.85 4.62
C LYS A 18 2.18 -10.13 4.41
N ALA A 19 2.27 -9.33 3.36
CA ALA A 19 3.49 -8.59 3.05
C ALA A 19 3.77 -7.54 4.10
N LEU A 20 2.78 -6.69 4.36
CA LEU A 20 2.92 -5.62 5.36
C LEU A 20 2.73 -6.17 6.76
N GLY A 21 1.88 -7.17 6.90
CA GLY A 21 1.61 -7.76 8.19
C GLY A 21 0.27 -7.36 8.76
N ILE A 22 -0.68 -7.05 7.87
CA ILE A 22 -2.01 -6.64 8.29
C ILE A 22 -3.05 -7.67 7.86
N SER A 23 -4.32 -7.40 8.18
CA SER A 23 -5.40 -8.28 7.82
C SER A 23 -6.01 -7.90 6.47
N ASP A 24 -6.76 -8.83 5.88
CA ASP A 24 -7.39 -8.58 4.59
C ASP A 24 -8.33 -7.38 4.67
N ALA A 25 -8.92 -7.15 5.84
CA ALA A 25 -9.84 -6.05 6.04
C ALA A 25 -9.13 -4.70 5.83
N ALA A 26 -7.96 -4.56 6.44
CA ALA A 26 -7.18 -3.33 6.32
C ALA A 26 -6.85 -3.04 4.86
N VAL A 27 -6.58 -4.09 4.08
CA VAL A 27 -6.25 -3.94 2.68
C VAL A 27 -7.47 -3.51 1.87
N SER A 28 -8.61 -4.13 2.15
CA SER A 28 -9.85 -3.80 1.45
C SER A 28 -10.36 -2.43 1.87
N GLN A 29 -10.09 -2.04 3.12
CA GLN A 29 -10.51 -0.76 3.63
C GLN A 29 -9.73 0.39 2.99
N TRP A 30 -8.59 0.06 2.38
CA TRP A 30 -7.75 1.07 1.74
C TRP A 30 -8.55 1.91 0.76
N LYS A 31 -8.13 3.16 0.59
CA LYS A 31 -8.80 4.07 -0.32
C LYS A 31 -7.93 4.36 -1.54
N GLU A 32 -8.26 5.42 -2.28
CA GLU A 32 -7.51 5.79 -3.47
C GLU A 32 -6.01 5.84 -3.18
N VAL A 33 -5.66 6.11 -1.92
CA VAL A 33 -4.26 6.17 -1.51
C VAL A 33 -4.04 5.42 -0.20
N ILE A 34 -3.26 4.35 -0.27
CA ILE A 34 -2.97 3.55 0.91
C ILE A 34 -2.36 4.39 2.03
N PRO A 35 -2.41 3.90 3.27
CA PRO A 35 -1.87 4.63 4.43
C PRO A 35 -0.45 5.15 4.18
N GLU A 36 0.02 6.02 5.08
CA GLU A 36 1.35 6.60 4.95
C GLU A 36 2.44 5.58 5.26
N LYS A 37 2.24 4.82 6.35
CA LYS A 37 3.21 3.81 6.76
C LYS A 37 3.04 2.51 5.96
N ASP A 38 1.93 2.38 5.25
CA ASP A 38 1.67 1.19 4.45
C ASP A 38 2.43 1.25 3.13
N ALA A 39 2.30 2.38 2.43
CA ALA A 39 2.98 2.56 1.16
C ALA A 39 4.50 2.52 1.32
N TYR A 40 4.96 2.90 2.52
CA TYR A 40 6.39 2.91 2.80
C TYR A 40 6.96 1.49 2.73
N ARG A 41 6.38 0.58 3.51
CA ARG A 41 6.84 -0.81 3.54
C ARG A 41 6.67 -1.46 2.17
N LEU A 42 5.66 -1.03 1.43
CA LEU A 42 5.38 -1.57 0.11
C LEU A 42 6.59 -1.42 -0.81
N GLU A 43 7.16 -0.22 -0.84
CA GLU A 43 8.32 0.06 -1.69
C GLU A 43 9.44 -0.96 -1.44
N ILE A 44 9.50 -1.48 -0.22
CA ILE A 44 10.52 -2.46 0.14
C ILE A 44 10.08 -3.88 -0.22
N VAL A 45 8.83 -4.20 0.12
CA VAL A 45 8.28 -5.52 -0.16
C VAL A 45 8.23 -5.79 -1.67
N THR A 46 7.89 -4.76 -2.43
CA THR A 46 7.80 -4.87 -3.88
C THR A 46 9.17 -4.81 -4.54
N ALA A 47 10.24 -4.73 -3.74
CA ALA A 47 11.59 -4.67 -4.26
C ALA A 47 11.86 -3.33 -4.95
N GLY A 48 11.18 -2.29 -4.49
CA GLY A 48 11.37 -0.98 -5.08
C GLY A 48 10.51 -0.75 -6.31
N ALA A 49 9.43 -1.52 -6.44
CA ALA A 49 8.54 -1.38 -7.58
C ALA A 49 7.83 -0.03 -7.57
N LEU A 50 7.03 0.20 -6.54
CA LEU A 50 6.30 1.46 -6.41
C LEU A 50 7.05 2.43 -5.50
N LYS A 51 7.36 3.60 -6.02
CA LYS A 51 8.09 4.62 -5.26
C LYS A 51 7.13 5.37 -4.33
N TYR A 52 7.64 5.75 -3.16
CA TYR A 52 6.85 6.48 -2.19
C TYR A 52 6.64 7.93 -2.62
N GLN A 53 5.54 8.53 -2.17
CA GLN A 53 5.22 9.91 -2.51
C GLN A 53 4.59 10.64 -1.32
N GLU A 54 5.43 11.29 -0.53
CA GLU A 54 4.96 12.03 0.64
C GLU A 54 3.92 13.07 0.26
N ASN A 55 3.90 13.45 -1.01
CA ASN A 55 2.95 14.46 -1.50
C ASN A 55 1.54 14.20 -0.99
N ALA A 56 0.88 13.20 -1.57
CA ALA A 56 -0.48 12.85 -1.18
C ALA A 56 -0.58 12.55 0.32
N TYR A 57 0.52 12.08 0.89
CA TYR A 57 0.55 11.75 2.32
C TYR A 57 0.75 13.00 3.17
N ARG A 58 1.12 14.11 2.53
CA ARG A 58 1.33 15.37 3.25
C ARG A 58 0.01 16.06 3.54
N GLN A 59 -0.59 15.73 4.69
CA GLN A 59 -1.85 16.32 5.10
C GLN A 59 -1.75 16.92 6.49
N ALA A 60 -1.98 18.22 6.58
CA ALA A 60 -1.91 18.93 7.85
C ALA A 60 -3.15 18.64 8.70
N ALA A 61 -3.17 19.17 9.93
CA ALA A 61 -4.29 18.97 10.82
C ALA A 61 -4.88 20.31 11.28
N MET A 1 0.71 6.05 -3.27
CA MET A 1 0.05 5.56 -4.50
C MET A 1 -1.40 5.16 -4.22
N TYR A 2 -2.07 4.65 -5.25
CA TYR A 2 -3.46 4.23 -5.12
C TYR A 2 -3.55 2.78 -4.65
N LYS A 3 -4.71 2.41 -4.09
CA LYS A 3 -4.93 1.05 -3.59
C LYS A 3 -5.03 0.06 -4.75
N LYS A 4 -5.51 0.54 -5.89
CA LYS A 4 -5.65 -0.31 -7.07
C LYS A 4 -4.30 -0.82 -7.54
N ASP A 5 -3.29 0.05 -7.52
CA ASP A 5 -1.95 -0.30 -7.95
C ASP A 5 -1.37 -1.42 -7.08
N VAL A 6 -1.51 -1.27 -5.76
CA VAL A 6 -1.00 -2.25 -4.83
C VAL A 6 -1.61 -3.63 -5.08
N ILE A 7 -2.91 -3.65 -5.33
CA ILE A 7 -3.62 -4.89 -5.59
C ILE A 7 -3.24 -5.47 -6.96
N ASP A 8 -3.01 -4.58 -7.92
CA ASP A 8 -2.63 -4.99 -9.27
C ASP A 8 -1.17 -5.43 -9.30
N HIS A 9 -0.39 -4.93 -8.35
CA HIS A 9 1.03 -5.26 -8.28
C HIS A 9 1.23 -6.59 -7.54
N PHE A 10 0.31 -6.90 -6.63
CA PHE A 10 0.40 -8.13 -5.85
C PHE A 10 -0.40 -9.25 -6.52
N GLY A 11 -1.64 -8.96 -6.90
CA GLY A 11 -2.48 -9.95 -7.54
C GLY A 11 -3.59 -10.43 -6.64
N THR A 12 -3.36 -10.39 -5.33
CA THR A 12 -4.35 -10.84 -4.36
C THR A 12 -4.37 -9.91 -3.15
N GLN A 13 -5.45 -9.97 -2.38
CA GLN A 13 -5.60 -9.15 -1.18
C GLN A 13 -4.77 -9.71 -0.03
N ARG A 14 -4.97 -11.00 0.27
CA ARG A 14 -4.25 -11.66 1.35
C ARG A 14 -2.74 -11.44 1.22
N ALA A 15 -2.28 -11.30 -0.02
CA ALA A 15 -0.86 -11.08 -0.29
C ALA A 15 -0.40 -9.75 0.29
N VAL A 16 -1.16 -8.70 0.00
CA VAL A 16 -0.84 -7.36 0.48
C VAL A 16 -0.81 -7.33 2.00
N ALA A 17 -1.67 -8.12 2.63
CA ALA A 17 -1.74 -8.17 4.08
C ALA A 17 -0.60 -9.02 4.66
N LYS A 18 -0.11 -9.96 3.87
CA LYS A 18 0.97 -10.82 4.31
C LYS A 18 2.33 -10.14 4.15
N ALA A 19 2.41 -9.23 3.19
CA ALA A 19 3.65 -8.51 2.94
C ALA A 19 3.94 -7.52 4.06
N LEU A 20 2.97 -6.68 4.38
CA LEU A 20 3.12 -5.69 5.44
C LEU A 20 2.95 -6.33 6.81
N GLY A 21 2.08 -7.32 6.90
CA GLY A 21 1.83 -7.98 8.16
C GLY A 21 0.46 -7.66 8.74
N ILE A 22 -0.47 -7.29 7.87
CA ILE A 22 -1.83 -6.95 8.29
C ILE A 22 -2.83 -7.98 7.79
N SER A 23 -4.10 -7.74 8.06
CA SER A 23 -5.16 -8.66 7.63
C SER A 23 -5.77 -8.19 6.31
N ASP A 24 -6.41 -9.11 5.60
CA ASP A 24 -7.03 -8.79 4.32
C ASP A 24 -8.07 -7.69 4.48
N ALA A 25 -8.68 -7.63 5.66
CA ALA A 25 -9.70 -6.62 5.93
C ALA A 25 -9.11 -5.21 5.87
N ALA A 26 -7.93 -5.04 6.46
CA ALA A 26 -7.26 -3.75 6.47
C ALA A 26 -6.99 -3.26 5.05
N VAL A 27 -6.50 -4.17 4.21
CA VAL A 27 -6.19 -3.82 2.82
C VAL A 27 -7.45 -3.39 2.07
N SER A 28 -8.55 -4.09 2.31
CA SER A 28 -9.81 -3.77 1.66
C SER A 28 -10.34 -2.42 2.14
N GLN A 29 -10.00 -2.05 3.37
CA GLN A 29 -10.44 -0.79 3.94
C GLN A 29 -9.74 0.39 3.27
N TRP A 30 -8.59 0.13 2.65
CA TRP A 30 -7.83 1.17 1.97
C TRP A 30 -8.70 1.95 1.00
N LYS A 31 -8.53 3.26 0.99
CA LYS A 31 -9.29 4.13 0.11
C LYS A 31 -8.54 4.39 -1.20
N GLU A 32 -9.01 5.37 -1.98
CA GLU A 32 -8.38 5.71 -3.24
C GLU A 32 -6.87 5.86 -3.09
N VAL A 33 -6.44 6.25 -1.89
CA VAL A 33 -5.03 6.45 -1.61
C VAL A 33 -4.61 5.68 -0.36
N ILE A 34 -3.67 4.76 -0.51
CA ILE A 34 -3.20 3.96 0.61
C ILE A 34 -2.59 4.84 1.70
N PRO A 35 -2.56 4.35 2.95
CA PRO A 35 -2.02 5.09 4.09
C PRO A 35 -0.59 5.58 3.82
N GLU A 36 -0.01 6.26 4.80
CA GLU A 36 1.35 6.79 4.68
C GLU A 36 2.37 5.71 4.97
N LYS A 37 2.22 5.05 6.12
CA LYS A 37 3.14 3.98 6.52
C LYS A 37 3.02 2.78 5.60
N ASP A 38 1.90 2.68 4.90
CA ASP A 38 1.68 1.56 3.98
C ASP A 38 2.41 1.81 2.67
N ALA A 39 2.23 3.00 2.12
CA ALA A 39 2.89 3.37 0.88
C ALA A 39 4.40 3.29 1.01
N TYR A 40 4.90 3.49 2.22
CA TYR A 40 6.33 3.43 2.49
C TYR A 40 6.81 1.98 2.58
N ARG A 41 6.15 1.21 3.44
CA ARG A 41 6.50 -0.19 3.64
C ARG A 41 6.23 -1.01 2.38
N LEU A 42 5.35 -0.50 1.53
CA LEU A 42 4.98 -1.19 0.29
C LEU A 42 6.17 -1.24 -0.67
N GLU A 43 7.02 -0.22 -0.61
CA GLU A 43 8.18 -0.16 -1.50
C GLU A 43 9.12 -1.34 -1.23
N ILE A 44 9.46 -1.53 0.03
CA ILE A 44 10.35 -2.62 0.43
C ILE A 44 9.80 -3.99 0.07
N VAL A 45 8.52 -4.22 0.39
CA VAL A 45 7.90 -5.51 0.10
C VAL A 45 7.94 -5.83 -1.39
N THR A 46 7.66 -4.82 -2.22
CA THR A 46 7.65 -5.00 -3.67
C THR A 46 9.06 -4.88 -4.27
N ALA A 47 10.05 -5.43 -3.57
CA ALA A 47 11.43 -5.39 -4.03
C ALA A 47 11.85 -3.99 -4.46
N GLY A 48 11.21 -2.98 -3.86
CA GLY A 48 11.53 -1.60 -4.19
C GLY A 48 10.93 -1.16 -5.52
N ALA A 49 10.16 -2.04 -6.15
CA ALA A 49 9.54 -1.73 -7.43
C ALA A 49 8.58 -0.54 -7.29
N LEU A 50 7.72 -0.61 -6.29
CA LEU A 50 6.75 0.46 -6.05
C LEU A 50 7.41 1.64 -5.33
N LYS A 51 7.51 2.77 -6.02
CA LYS A 51 8.12 3.96 -5.44
C LYS A 51 7.14 4.69 -4.52
N TYR A 52 7.56 4.91 -3.28
CA TYR A 52 6.74 5.60 -2.30
C TYR A 52 6.82 7.11 -2.48
N GLN A 53 5.67 7.76 -2.59
CA GLN A 53 5.61 9.20 -2.76
C GLN A 53 4.82 9.84 -1.63
N GLU A 54 5.43 10.83 -0.98
CA GLU A 54 4.78 11.53 0.12
C GLU A 54 3.94 12.71 -0.37
N ASN A 55 3.51 12.66 -1.63
CA ASN A 55 2.70 13.73 -2.19
C ASN A 55 1.40 13.87 -1.41
N ALA A 56 0.68 12.77 -1.26
CA ALA A 56 -0.56 12.77 -0.52
C ALA A 56 -0.33 12.32 0.93
N TYR A 57 0.93 12.31 1.34
CA TYR A 57 1.31 11.90 2.68
C TYR A 57 2.27 12.91 3.32
N ARG A 58 2.18 14.16 2.87
CA ARG A 58 3.04 15.21 3.39
C ARG A 58 2.34 16.03 4.45
N GLN A 59 3.05 16.99 5.04
CA GLN A 59 2.48 17.84 6.09
C GLN A 59 2.41 19.30 5.64
N ALA A 60 2.65 19.53 4.35
CA ALA A 60 2.60 20.89 3.81
C ALA A 60 3.68 21.76 4.44
N ALA A 61 3.38 22.28 5.63
CA ALA A 61 4.32 23.14 6.36
C ALA A 61 4.43 22.72 7.82
N MET A 1 0.28 6.51 -3.73
CA MET A 1 0.05 5.09 -4.10
C MET A 1 -1.41 4.71 -4.00
N TYR A 2 -1.96 4.19 -5.10
CA TYR A 2 -3.37 3.79 -5.13
C TYR A 2 -3.52 2.30 -4.85
N LYS A 3 -4.60 1.93 -4.20
CA LYS A 3 -4.87 0.53 -3.87
C LYS A 3 -4.90 -0.33 -5.13
N LYS A 4 -5.30 0.27 -6.25
CA LYS A 4 -5.37 -0.45 -7.52
C LYS A 4 -4.00 -0.95 -7.94
N ASP A 5 -3.01 -0.08 -7.87
CA ASP A 5 -1.65 -0.44 -8.24
C ASP A 5 -1.12 -1.58 -7.38
N VAL A 6 -1.23 -1.41 -6.07
CA VAL A 6 -0.77 -2.42 -5.13
C VAL A 6 -1.38 -3.79 -5.44
N ILE A 7 -2.71 -3.83 -5.57
CA ILE A 7 -3.41 -5.06 -5.87
C ILE A 7 -2.93 -5.67 -7.18
N ASP A 8 -2.44 -4.83 -8.08
CA ASP A 8 -1.95 -5.29 -9.37
C ASP A 8 -0.57 -5.93 -9.22
N HIS A 9 0.17 -5.48 -8.22
CA HIS A 9 1.50 -6.00 -7.96
C HIS A 9 1.43 -7.24 -7.07
N PHE A 10 0.42 -7.28 -6.20
CA PHE A 10 0.25 -8.41 -5.29
C PHE A 10 -0.70 -9.45 -5.90
N GLY A 11 -1.62 -8.98 -6.73
CA GLY A 11 -2.58 -9.89 -7.36
C GLY A 11 -3.83 -10.05 -6.53
N THR A 12 -3.66 -10.33 -5.24
CA THR A 12 -4.79 -10.51 -4.34
C THR A 12 -4.58 -9.71 -3.05
N GLN A 13 -5.64 -9.10 -2.55
CA GLN A 13 -5.58 -8.30 -1.33
C GLN A 13 -4.87 -9.06 -0.22
N ARG A 14 -5.32 -10.29 0.04
CA ARG A 14 -4.74 -11.12 1.09
C ARG A 14 -3.21 -11.14 1.00
N ALA A 15 -2.70 -11.12 -0.22
CA ALA A 15 -1.26 -11.13 -0.44
C ALA A 15 -0.60 -9.92 0.20
N VAL A 16 -1.13 -8.74 -0.09
CA VAL A 16 -0.60 -7.49 0.46
C VAL A 16 -0.54 -7.55 1.98
N ALA A 17 -1.48 -8.28 2.58
CA ALA A 17 -1.54 -8.42 4.02
C ALA A 17 -0.31 -9.14 4.57
N LYS A 18 0.29 -9.98 3.73
CA LYS A 18 1.47 -10.75 4.13
C LYS A 18 2.70 -9.86 4.15
N ALA A 19 2.95 -9.16 3.04
CA ALA A 19 4.10 -8.28 2.93
C ALA A 19 4.08 -7.20 4.00
N LEU A 20 2.89 -6.68 4.28
CA LEU A 20 2.72 -5.64 5.30
C LEU A 20 2.51 -6.24 6.68
N GLY A 21 1.89 -7.42 6.72
CA GLY A 21 1.64 -8.09 7.98
C GLY A 21 0.34 -7.65 8.62
N ILE A 22 -0.61 -7.24 7.79
CA ILE A 22 -1.91 -6.79 8.28
C ILE A 22 -3.01 -7.79 7.90
N SER A 23 -4.25 -7.46 8.28
CA SER A 23 -5.38 -8.32 7.98
C SER A 23 -5.97 -7.98 6.61
N ASP A 24 -6.72 -8.92 6.05
CA ASP A 24 -7.34 -8.73 4.74
C ASP A 24 -8.31 -7.55 4.77
N ALA A 25 -8.93 -7.32 5.92
CA ALA A 25 -9.88 -6.23 6.07
C ALA A 25 -9.18 -4.87 5.95
N ALA A 26 -8.03 -4.75 6.61
CA ALA A 26 -7.26 -3.50 6.58
C ALA A 26 -6.91 -3.11 5.14
N VAL A 27 -6.75 -4.12 4.28
CA VAL A 27 -6.41 -3.87 2.89
C VAL A 27 -7.61 -3.37 2.11
N SER A 28 -8.69 -4.14 2.12
CA SER A 28 -9.91 -3.77 1.41
C SER A 28 -10.44 -2.43 1.88
N GLN A 29 -10.13 -2.08 3.13
CA GLN A 29 -10.56 -0.82 3.71
C GLN A 29 -9.76 0.36 3.16
N TRP A 30 -8.61 0.07 2.56
CA TRP A 30 -7.75 1.11 2.00
C TRP A 30 -8.53 2.00 1.03
N LYS A 31 -8.42 3.31 1.23
CA LYS A 31 -9.12 4.27 0.37
C LYS A 31 -8.36 4.48 -0.93
N GLU A 32 -8.74 5.50 -1.68
CA GLU A 32 -8.09 5.81 -2.96
C GLU A 32 -6.57 5.82 -2.80
N VAL A 33 -6.10 6.19 -1.62
CA VAL A 33 -4.68 6.24 -1.34
C VAL A 33 -4.34 5.46 -0.06
N ILE A 34 -3.55 4.40 -0.21
CA ILE A 34 -3.15 3.58 0.93
C ILE A 34 -2.58 4.43 2.05
N PRO A 35 -2.53 3.88 3.28
CA PRO A 35 -1.99 4.60 4.45
C PRO A 35 -0.60 5.14 4.21
N GLU A 36 -0.18 6.06 5.07
CA GLU A 36 1.15 6.67 4.96
C GLU A 36 2.24 5.69 5.37
N LYS A 37 1.94 4.86 6.36
CA LYS A 37 2.90 3.88 6.86
C LYS A 37 2.82 2.58 6.06
N ASP A 38 1.70 2.36 5.38
CA ASP A 38 1.51 1.15 4.60
C ASP A 38 2.23 1.25 3.26
N ALA A 39 2.11 2.40 2.61
CA ALA A 39 2.74 2.63 1.33
C ALA A 39 4.26 2.62 1.47
N TYR A 40 4.75 2.95 2.66
CA TYR A 40 6.18 2.98 2.93
C TYR A 40 6.75 1.56 3.01
N ARG A 41 5.96 0.64 3.57
CA ARG A 41 6.40 -0.75 3.71
C ARG A 41 6.25 -1.49 2.39
N LEU A 42 5.29 -1.06 1.58
CA LEU A 42 5.04 -1.70 0.29
C LEU A 42 6.21 -1.49 -0.67
N GLU A 43 6.88 -0.35 -0.53
CA GLU A 43 8.02 -0.03 -1.38
C GLU A 43 9.20 -0.96 -1.11
N ILE A 44 9.22 -1.55 0.08
CA ILE A 44 10.30 -2.45 0.46
C ILE A 44 9.99 -3.88 0.04
N VAL A 45 8.81 -4.37 0.43
CA VAL A 45 8.39 -5.72 0.09
C VAL A 45 8.35 -5.93 -1.41
N THR A 46 7.87 -4.93 -2.13
CA THR A 46 7.75 -5.00 -3.58
C THR A 46 9.09 -4.75 -4.28
N ALA A 47 10.19 -4.77 -3.52
CA ALA A 47 11.51 -4.55 -4.09
C ALA A 47 11.61 -3.17 -4.72
N GLY A 48 10.87 -2.22 -4.16
CA GLY A 48 10.90 -0.86 -4.68
C GLY A 48 10.17 -0.73 -6.01
N ALA A 49 9.26 -1.66 -6.29
CA ALA A 49 8.51 -1.64 -7.54
C ALA A 49 7.71 -0.34 -7.66
N LEU A 50 7.27 0.18 -6.52
CA LEU A 50 6.50 1.42 -6.49
C LEU A 50 7.25 2.50 -5.73
N LYS A 51 7.44 3.65 -6.37
CA LYS A 51 8.14 4.76 -5.76
C LYS A 51 7.24 5.53 -4.80
N TYR A 52 7.56 5.46 -3.50
CA TYR A 52 6.78 6.15 -2.49
C TYR A 52 6.78 7.66 -2.73
N GLN A 53 5.60 8.22 -2.95
CA GLN A 53 5.48 9.65 -3.19
C GLN A 53 4.87 10.36 -1.97
N GLU A 54 5.68 11.19 -1.32
CA GLU A 54 5.22 11.92 -0.15
C GLU A 54 4.08 12.87 -0.49
N ASN A 55 3.92 13.16 -1.79
CA ASN A 55 2.86 14.06 -2.23
C ASN A 55 1.51 13.67 -1.63
N ALA A 56 1.27 12.36 -1.51
CA ALA A 56 0.02 11.87 -0.95
C ALA A 56 0.19 11.48 0.52
N TYR A 57 1.26 11.99 1.14
CA TYR A 57 1.53 11.71 2.54
C TYR A 57 2.18 12.90 3.22
N ARG A 58 1.87 14.10 2.73
CA ARG A 58 2.44 15.32 3.30
C ARG A 58 1.34 16.18 3.94
N GLN A 59 1.75 17.04 4.85
CA GLN A 59 0.80 17.92 5.55
C GLN A 59 1.33 19.35 5.59
N ALA A 60 0.57 20.23 6.22
CA ALA A 60 0.95 21.64 6.34
C ALA A 60 2.18 21.80 7.23
N ALA A 61 2.03 21.43 8.49
CA ALA A 61 3.12 21.54 9.45
C ALA A 61 3.13 20.36 10.42
N MET A 1 0.91 6.18 -3.52
CA MET A 1 0.61 4.78 -3.93
C MET A 1 -0.89 4.53 -3.94
N TYR A 2 -1.41 4.12 -5.10
CA TYR A 2 -2.83 3.84 -5.25
C TYR A 2 -3.12 2.36 -5.02
N LYS A 3 -4.25 2.07 -4.40
CA LYS A 3 -4.65 0.69 -4.12
C LYS A 3 -4.73 -0.13 -5.40
N LYS A 4 -5.33 0.46 -6.43
CA LYS A 4 -5.47 -0.21 -7.72
C LYS A 4 -4.14 -0.76 -8.21
N ASP A 5 -3.06 -0.04 -7.92
CA ASP A 5 -1.72 -0.46 -8.34
C ASP A 5 -1.22 -1.59 -7.45
N VAL A 6 -1.25 -1.37 -6.14
CA VAL A 6 -0.80 -2.36 -5.18
C VAL A 6 -1.52 -3.70 -5.40
N ILE A 7 -2.84 -3.65 -5.50
CA ILE A 7 -3.64 -4.84 -5.71
C ILE A 7 -3.23 -5.56 -7.01
N ASP A 8 -2.82 -4.77 -8.00
CA ASP A 8 -2.41 -5.31 -9.28
C ASP A 8 -1.01 -5.92 -9.19
N HIS A 9 -0.24 -5.44 -8.23
CA HIS A 9 1.11 -5.94 -8.02
C HIS A 9 1.09 -7.21 -7.19
N PHE A 10 0.11 -7.31 -6.30
CA PHE A 10 -0.04 -8.48 -5.44
C PHE A 10 -1.01 -9.49 -6.04
N GLY A 11 -1.97 -8.99 -6.79
CA GLY A 11 -2.96 -9.87 -7.41
C GLY A 11 -4.17 -10.06 -6.54
N THR A 12 -3.95 -10.36 -5.27
CA THR A 12 -5.04 -10.55 -4.31
C THR A 12 -4.87 -9.61 -3.12
N GLN A 13 -5.80 -9.70 -2.17
CA GLN A 13 -5.74 -8.87 -0.97
C GLN A 13 -4.88 -9.51 0.11
N ARG A 14 -5.23 -10.74 0.48
CA ARG A 14 -4.49 -11.47 1.50
C ARG A 14 -2.98 -11.42 1.24
N ALA A 15 -2.61 -11.32 -0.03
CA ALA A 15 -1.20 -11.26 -0.40
C ALA A 15 -0.54 -10.00 0.15
N VAL A 16 -1.16 -8.86 -0.12
CA VAL A 16 -0.64 -7.58 0.35
C VAL A 16 -0.43 -7.58 1.86
N ALA A 17 -1.43 -8.09 2.57
CA ALA A 17 -1.37 -8.16 4.03
C ALA A 17 -0.28 -9.13 4.49
N LYS A 18 -0.05 -10.16 3.68
CA LYS A 18 0.96 -11.17 4.00
C LYS A 18 2.36 -10.58 3.92
N ALA A 19 2.54 -9.59 3.05
CA ALA A 19 3.83 -8.94 2.88
C ALA A 19 3.98 -7.75 3.82
N LEU A 20 2.90 -7.01 4.01
CA LEU A 20 2.91 -5.85 4.89
C LEU A 20 2.78 -6.27 6.35
N GLY A 21 2.13 -7.40 6.58
CA GLY A 21 1.95 -7.88 7.94
C GLY A 21 0.57 -7.57 8.49
N ILE A 22 -0.16 -6.71 7.80
CA ILE A 22 -1.51 -6.34 8.24
C ILE A 22 -2.53 -7.40 7.87
N SER A 23 -3.79 -7.15 8.21
CA SER A 23 -4.87 -8.09 7.92
C SER A 23 -5.56 -7.72 6.61
N ASP A 24 -6.33 -8.68 6.08
CA ASP A 24 -7.06 -8.45 4.84
C ASP A 24 -8.03 -7.29 4.97
N ALA A 25 -8.55 -7.10 6.18
CA ALA A 25 -9.50 -6.02 6.44
C ALA A 25 -8.86 -4.66 6.17
N ALA A 26 -7.67 -4.45 6.70
CA ALA A 26 -6.95 -3.19 6.51
C ALA A 26 -6.71 -2.91 5.03
N VAL A 27 -6.38 -3.95 4.28
CA VAL A 27 -6.12 -3.82 2.85
C VAL A 27 -7.40 -3.52 2.09
N SER A 28 -8.47 -4.24 2.42
CA SER A 28 -9.75 -4.05 1.76
C SER A 28 -10.36 -2.69 2.11
N GLN A 29 -10.05 -2.22 3.31
CA GLN A 29 -10.55 -0.93 3.78
C GLN A 29 -9.82 0.23 3.11
N TRP A 30 -8.71 -0.06 2.44
CA TRP A 30 -7.93 0.97 1.77
C TRP A 30 -8.79 1.76 0.79
N LYS A 31 -8.22 2.84 0.27
CA LYS A 31 -8.94 3.69 -0.68
C LYS A 31 -8.05 4.03 -1.87
N GLU A 32 -8.44 5.06 -2.64
CA GLU A 32 -7.68 5.47 -3.81
C GLU A 32 -6.20 5.61 -3.48
N VAL A 33 -5.90 5.92 -2.22
CA VAL A 33 -4.52 6.07 -1.78
C VAL A 33 -4.29 5.37 -0.45
N ILE A 34 -3.50 4.30 -0.48
CA ILE A 34 -3.19 3.54 0.72
C ILE A 34 -2.59 4.43 1.81
N PRO A 35 -2.78 4.06 3.09
CA PRO A 35 -2.25 4.84 4.21
C PRO A 35 -0.77 5.19 4.03
N GLU A 36 -0.21 5.90 5.00
CA GLU A 36 1.19 6.31 4.94
C GLU A 36 2.15 5.16 5.26
N LYS A 37 2.10 4.69 6.49
CA LYS A 37 2.98 3.61 6.94
C LYS A 37 2.88 2.38 6.05
N ASP A 38 1.76 2.23 5.36
CA ASP A 38 1.58 1.08 4.47
C ASP A 38 2.30 1.31 3.15
N ALA A 39 2.06 2.48 2.56
CA ALA A 39 2.70 2.84 1.30
C ALA A 39 4.21 2.85 1.45
N TYR A 40 4.68 3.09 2.66
CA TYR A 40 6.13 3.13 2.92
C TYR A 40 6.71 1.72 2.91
N ARG A 41 6.17 0.85 3.75
CA ARG A 41 6.66 -0.52 3.85
C ARG A 41 6.41 -1.28 2.53
N LEU A 42 5.36 -0.88 1.82
CA LEU A 42 5.01 -1.52 0.56
C LEU A 42 6.16 -1.44 -0.43
N GLU A 43 6.86 -0.30 -0.43
CA GLU A 43 7.99 -0.08 -1.33
C GLU A 43 9.12 -1.07 -1.05
N ILE A 44 9.09 -1.70 0.12
CA ILE A 44 10.11 -2.65 0.52
C ILE A 44 9.73 -4.08 0.11
N VAL A 45 8.51 -4.48 0.46
CA VAL A 45 8.03 -5.82 0.14
C VAL A 45 7.99 -6.04 -1.37
N THR A 46 7.62 -5.00 -2.11
CA THR A 46 7.54 -5.07 -3.56
C THR A 46 8.92 -4.94 -4.21
N ALA A 47 9.97 -4.87 -3.39
CA ALA A 47 11.33 -4.73 -3.90
C ALA A 47 11.53 -3.38 -4.57
N GLY A 48 10.83 -2.37 -4.07
CA GLY A 48 10.94 -1.04 -4.63
C GLY A 48 10.14 -0.88 -5.91
N ALA A 49 9.10 -1.69 -6.06
CA ALA A 49 8.26 -1.63 -7.25
C ALA A 49 7.61 -0.26 -7.39
N LEU A 50 6.92 0.16 -6.34
CA LEU A 50 6.24 1.46 -6.35
C LEU A 50 7.16 2.55 -5.80
N LYS A 51 6.82 3.81 -6.07
CA LYS A 51 7.62 4.93 -5.61
C LYS A 51 6.83 5.81 -4.63
N TYR A 52 7.24 5.78 -3.37
CA TYR A 52 6.56 6.57 -2.34
C TYR A 52 6.64 8.06 -2.66
N GLN A 53 5.53 8.76 -2.47
CA GLN A 53 5.47 10.20 -2.72
C GLN A 53 4.91 10.94 -1.52
N GLU A 54 5.77 11.69 -0.85
CA GLU A 54 5.36 12.46 0.33
C GLU A 54 4.15 13.35 0.02
N ASN A 55 4.07 13.83 -1.22
CA ASN A 55 2.97 14.69 -1.63
C ASN A 55 1.63 14.00 -1.40
N ALA A 56 1.64 12.67 -1.34
CA ALA A 56 0.41 11.90 -1.12
C ALA A 56 0.31 11.42 0.32
N TYR A 57 1.10 12.02 1.21
CA TYR A 57 1.09 11.65 2.62
C TYR A 57 1.52 12.82 3.50
N ARG A 58 1.26 14.04 3.02
CA ARG A 58 1.61 15.24 3.76
C ARG A 58 0.39 16.15 3.94
N GLN A 59 -0.30 15.99 5.05
CA GLN A 59 -1.48 16.80 5.35
C GLN A 59 -1.76 16.83 6.85
N ALA A 60 -2.54 17.81 7.27
CA ALA A 60 -2.89 17.95 8.69
C ALA A 60 -4.32 17.50 8.94
N ALA A 61 -4.71 17.48 10.21
CA ALA A 61 -6.05 17.07 10.59
C ALA A 61 -7.02 18.25 10.55
N MET A 1 0.34 6.40 -4.22
CA MET A 1 0.05 5.00 -4.62
C MET A 1 -1.41 4.66 -4.41
N TYR A 2 -2.08 4.20 -5.46
CA TYR A 2 -3.50 3.84 -5.38
C TYR A 2 -3.65 2.38 -4.97
N LYS A 3 -4.70 2.10 -4.20
CA LYS A 3 -4.97 0.74 -3.74
C LYS A 3 -5.13 -0.22 -4.92
N LYS A 4 -5.67 0.30 -6.02
CA LYS A 4 -5.87 -0.51 -7.22
C LYS A 4 -4.53 -0.99 -7.79
N ASP A 5 -3.49 -0.17 -7.61
CA ASP A 5 -2.17 -0.50 -8.11
C ASP A 5 -1.53 -1.62 -7.28
N VAL A 6 -1.58 -1.47 -5.96
CA VAL A 6 -1.01 -2.45 -5.05
C VAL A 6 -1.61 -3.83 -5.30
N ILE A 7 -2.94 -3.88 -5.42
CA ILE A 7 -3.63 -5.14 -5.65
C ILE A 7 -3.23 -5.75 -7.00
N ASP A 8 -3.04 -4.88 -8.00
CA ASP A 8 -2.65 -5.32 -9.32
C ASP A 8 -1.18 -5.71 -9.35
N HIS A 9 -0.42 -5.16 -8.41
CA HIS A 9 1.00 -5.45 -8.31
C HIS A 9 1.23 -6.75 -7.55
N PHE A 10 0.30 -7.08 -6.66
CA PHE A 10 0.41 -8.30 -5.86
C PHE A 10 -0.38 -9.44 -6.49
N GLY A 11 -1.62 -9.15 -6.88
CA GLY A 11 -2.46 -10.16 -7.49
C GLY A 11 -3.67 -10.51 -6.65
N THR A 12 -3.52 -10.39 -5.33
CA THR A 12 -4.61 -10.68 -4.40
C THR A 12 -4.60 -9.72 -3.22
N GLN A 13 -5.55 -9.89 -2.31
CA GLN A 13 -5.65 -9.03 -1.14
C GLN A 13 -4.84 -9.60 0.02
N ARG A 14 -5.09 -10.87 0.35
CA ARG A 14 -4.38 -11.53 1.44
C ARG A 14 -2.88 -11.39 1.30
N ALA A 15 -2.42 -11.30 0.05
CA ALA A 15 -0.99 -11.17 -0.23
C ALA A 15 -0.45 -9.85 0.32
N VAL A 16 -1.17 -8.76 0.04
CA VAL A 16 -0.76 -7.44 0.51
C VAL A 16 -0.73 -7.39 2.03
N ALA A 17 -1.68 -8.07 2.66
CA ALA A 17 -1.76 -8.10 4.12
C ALA A 17 -0.60 -8.89 4.71
N LYS A 18 -0.14 -9.90 3.99
CA LYS A 18 0.96 -10.74 4.46
C LYS A 18 2.30 -10.02 4.27
N ALA A 19 2.37 -9.15 3.27
CA ALA A 19 3.58 -8.40 2.99
C ALA A 19 3.88 -7.38 4.08
N LEU A 20 2.89 -6.55 4.38
CA LEU A 20 3.04 -5.52 5.41
C LEU A 20 2.87 -6.12 6.81
N GLY A 21 2.02 -7.13 6.92
CA GLY A 21 1.77 -7.76 8.20
C GLY A 21 0.41 -7.41 8.78
N ILE A 22 -0.54 -7.09 7.90
CA ILE A 22 -1.88 -6.75 8.32
C ILE A 22 -2.90 -7.80 7.87
N SER A 23 -4.16 -7.57 8.17
CA SER A 23 -5.23 -8.50 7.79
C SER A 23 -5.86 -8.08 6.47
N ASP A 24 -6.60 -9.00 5.86
CA ASP A 24 -7.25 -8.73 4.58
C ASP A 24 -8.22 -7.55 4.71
N ALA A 25 -8.81 -7.41 5.89
CA ALA A 25 -9.76 -6.33 6.15
C ALA A 25 -9.09 -4.96 6.02
N ALA A 26 -7.86 -4.86 6.53
CA ALA A 26 -7.10 -3.62 6.49
C ALA A 26 -6.85 -3.20 5.05
N VAL A 27 -6.58 -4.18 4.19
CA VAL A 27 -6.32 -3.90 2.78
C VAL A 27 -7.56 -3.37 2.08
N SER A 28 -8.67 -4.07 2.22
CA SER A 28 -9.93 -3.66 1.59
C SER A 28 -10.44 -2.36 2.21
N GLN A 29 -10.16 -2.17 3.49
CA GLN A 29 -10.58 -0.98 4.20
C GLN A 29 -9.91 0.27 3.63
N TRP A 30 -8.75 0.08 2.98
CA TRP A 30 -8.01 1.19 2.40
C TRP A 30 -8.88 2.01 1.46
N LYS A 31 -8.43 3.22 1.15
CA LYS A 31 -9.17 4.10 0.26
C LYS A 31 -8.44 4.27 -1.06
N GLU A 32 -8.81 5.29 -1.83
CA GLU A 32 -8.19 5.56 -3.12
C GLU A 32 -6.67 5.57 -3.01
N VAL A 33 -6.16 6.03 -1.87
CA VAL A 33 -4.72 6.08 -1.63
C VAL A 33 -4.35 5.29 -0.38
N ILE A 34 -3.47 4.31 -0.53
CA ILE A 34 -3.03 3.48 0.58
C ILE A 34 -2.48 4.34 1.71
N PRO A 35 -2.59 3.84 2.97
CA PRO A 35 -2.09 4.57 4.15
C PRO A 35 -0.65 5.05 3.98
N GLU A 36 -0.29 6.08 4.74
CA GLU A 36 1.05 6.63 4.68
C GLU A 36 2.09 5.63 5.18
N LYS A 37 1.68 4.75 6.09
CA LYS A 37 2.58 3.75 6.65
C LYS A 37 2.57 2.47 5.84
N ASP A 38 1.48 2.22 5.12
CA ASP A 38 1.36 1.02 4.31
C ASP A 38 2.11 1.19 2.99
N ALA A 39 2.05 2.40 2.44
CA ALA A 39 2.72 2.70 1.19
C ALA A 39 4.24 2.67 1.36
N TYR A 40 4.69 2.92 2.59
CA TYR A 40 6.12 2.92 2.89
C TYR A 40 6.70 1.51 2.83
N ARG A 41 6.12 0.61 3.62
CA ARG A 41 6.58 -0.78 3.66
C ARG A 41 6.45 -1.44 2.29
N LEU A 42 5.50 -0.97 1.49
CA LEU A 42 5.28 -1.52 0.16
C LEU A 42 6.55 -1.43 -0.68
N GLU A 43 7.27 -0.32 -0.55
CA GLU A 43 8.51 -0.12 -1.29
C GLU A 43 9.52 -1.22 -1.00
N ILE A 44 9.35 -1.90 0.13
CA ILE A 44 10.26 -2.97 0.52
C ILE A 44 9.83 -4.31 -0.05
N VAL A 45 8.56 -4.66 0.16
CA VAL A 45 8.02 -5.92 -0.33
C VAL A 45 8.05 -6.00 -1.85
N THR A 46 7.78 -4.87 -2.50
CA THR A 46 7.76 -4.80 -3.95
C THR A 46 9.17 -4.66 -4.53
N ALA A 47 10.20 -4.85 -3.71
CA ALA A 47 11.58 -4.73 -4.16
C ALA A 47 11.88 -3.33 -4.64
N GLY A 48 11.19 -2.35 -4.08
CA GLY A 48 11.41 -0.96 -4.45
C GLY A 48 10.77 -0.61 -5.78
N ALA A 49 9.78 -1.39 -6.19
CA ALA A 49 9.09 -1.15 -7.45
C ALA A 49 8.20 0.08 -7.36
N LEU A 50 7.48 0.20 -6.25
CA LEU A 50 6.60 1.34 -6.02
C LEU A 50 7.33 2.45 -5.28
N LYS A 51 7.55 3.58 -5.95
CA LYS A 51 8.24 4.70 -5.34
C LYS A 51 7.30 5.51 -4.45
N TYR A 52 7.70 5.70 -3.20
CA TYR A 52 6.90 6.45 -2.23
C TYR A 52 7.04 7.95 -2.48
N GLN A 53 5.91 8.65 -2.43
CA GLN A 53 5.91 10.09 -2.63
C GLN A 53 5.18 10.81 -1.50
N GLU A 54 5.95 11.40 -0.59
CA GLU A 54 5.39 12.11 0.54
C GLU A 54 4.40 13.19 0.09
N ASN A 55 4.59 13.68 -1.13
CA ASN A 55 3.72 14.71 -1.68
C ASN A 55 2.27 14.24 -1.69
N ALA A 56 2.07 12.94 -1.80
CA ALA A 56 0.72 12.36 -1.83
C ALA A 56 0.35 11.78 -0.46
N TYR A 57 1.08 12.18 0.58
CA TYR A 57 0.82 11.69 1.92
C TYR A 57 1.04 12.81 2.95
N ARG A 58 0.94 14.05 2.50
CA ARG A 58 1.13 15.19 3.39
C ARG A 58 -0.20 15.89 3.66
N GLN A 59 -0.14 17.06 4.28
CA GLN A 59 -1.33 17.84 4.60
C GLN A 59 -1.40 19.10 3.76
N ALA A 60 -0.24 19.66 3.44
CA ALA A 60 -0.18 20.88 2.64
C ALA A 60 0.16 20.56 1.19
N ALA A 61 1.40 20.16 0.95
CA ALA A 61 1.86 19.82 -0.40
C ALA A 61 2.54 18.47 -0.42
N MET A 1 0.67 6.51 -3.28
CA MET A 1 0.42 5.15 -3.84
C MET A 1 -1.06 4.79 -3.78
N TYR A 2 -1.64 4.48 -4.93
CA TYR A 2 -3.05 4.12 -5.01
C TYR A 2 -3.25 2.66 -4.65
N LYS A 3 -4.45 2.33 -4.18
CA LYS A 3 -4.78 0.95 -3.80
C LYS A 3 -4.93 0.07 -5.03
N LYS A 4 -5.35 0.67 -6.14
CA LYS A 4 -5.53 -0.07 -7.38
C LYS A 4 -4.19 -0.60 -7.91
N ASP A 5 -3.14 0.20 -7.72
CA ASP A 5 -1.80 -0.19 -8.18
C ASP A 5 -1.25 -1.33 -7.35
N VAL A 6 -1.31 -1.18 -6.02
CA VAL A 6 -0.82 -2.20 -5.11
C VAL A 6 -1.48 -3.54 -5.36
N ILE A 7 -2.81 -3.54 -5.45
CA ILE A 7 -3.56 -4.76 -5.69
C ILE A 7 -3.20 -5.37 -7.04
N ASP A 8 -2.81 -4.53 -7.98
CA ASP A 8 -2.43 -5.00 -9.31
C ASP A 8 -1.04 -5.62 -9.28
N HIS A 9 -0.23 -5.20 -8.31
CA HIS A 9 1.12 -5.73 -8.18
C HIS A 9 1.11 -7.04 -7.38
N PHE A 10 0.20 -7.12 -6.42
CA PHE A 10 0.07 -8.31 -5.58
C PHE A 10 -0.88 -9.32 -6.21
N GLY A 11 -1.98 -8.84 -6.75
CA GLY A 11 -2.96 -9.73 -7.37
C GLY A 11 -4.09 -10.09 -6.42
N THR A 12 -3.77 -10.11 -5.13
CA THR A 12 -4.76 -10.44 -4.10
C THR A 12 -4.49 -9.66 -2.83
N GLN A 13 -5.55 -9.14 -2.23
CA GLN A 13 -5.42 -8.37 -0.99
C GLN A 13 -4.62 -9.12 0.06
N ARG A 14 -4.98 -10.38 0.29
CA ARG A 14 -4.30 -11.21 1.27
C ARG A 14 -2.78 -11.11 1.14
N ALA A 15 -2.30 -11.11 -0.10
CA ALA A 15 -0.87 -11.02 -0.36
C ALA A 15 -0.29 -9.74 0.22
N VAL A 16 -0.94 -8.61 -0.05
CA VAL A 16 -0.49 -7.32 0.44
C VAL A 16 -0.43 -7.31 1.97
N ALA A 17 -1.52 -7.75 2.59
CA ALA A 17 -1.59 -7.79 4.05
C ALA A 17 -0.49 -8.69 4.63
N LYS A 18 -0.11 -9.71 3.88
CA LYS A 18 0.92 -10.63 4.32
C LYS A 18 2.30 -10.01 4.20
N ALA A 19 2.48 -9.17 3.19
CA ALA A 19 3.76 -8.50 2.96
C ALA A 19 3.99 -7.40 3.99
N LEU A 20 2.93 -6.64 4.29
CA LEU A 20 3.01 -5.55 5.26
C LEU A 20 2.87 -6.08 6.67
N GLY A 21 2.10 -7.15 6.84
CA GLY A 21 1.89 -7.73 8.15
C GLY A 21 0.50 -7.46 8.70
N ILE A 22 -0.27 -6.62 8.00
CA ILE A 22 -1.61 -6.29 8.42
C ILE A 22 -2.60 -7.39 8.04
N SER A 23 -3.87 -7.18 8.36
CA SER A 23 -4.92 -8.14 8.05
C SER A 23 -5.44 -7.94 6.63
N ASP A 24 -5.94 -9.01 6.04
CA ASP A 24 -6.48 -8.95 4.68
C ASP A 24 -7.64 -7.95 4.60
N ALA A 25 -8.38 -7.82 5.69
CA ALA A 25 -9.51 -6.90 5.74
C ALA A 25 -9.04 -5.45 5.63
N ALA A 26 -7.93 -5.14 6.28
CA ALA A 26 -7.38 -3.79 6.25
C ALA A 26 -7.06 -3.37 4.82
N VAL A 27 -6.68 -4.34 3.99
CA VAL A 27 -6.35 -4.06 2.60
C VAL A 27 -7.60 -3.67 1.81
N SER A 28 -8.69 -4.38 2.04
CA SER A 28 -9.94 -4.10 1.35
C SER A 28 -10.55 -2.80 1.82
N GLN A 29 -10.28 -2.44 3.07
CA GLN A 29 -10.80 -1.21 3.66
C GLN A 29 -10.06 0.01 3.12
N TRP A 30 -8.92 -0.21 2.48
CA TRP A 30 -8.12 0.88 1.92
C TRP A 30 -8.96 1.77 1.02
N LYS A 31 -8.41 2.90 0.63
CA LYS A 31 -9.11 3.85 -0.24
C LYS A 31 -8.25 4.21 -1.44
N GLU A 32 -8.62 5.29 -2.14
CA GLU A 32 -7.88 5.73 -3.32
C GLU A 32 -6.39 5.82 -3.03
N VAL A 33 -6.04 6.07 -1.77
CA VAL A 33 -4.65 6.17 -1.36
C VAL A 33 -4.41 5.40 -0.07
N ILE A 34 -3.53 4.40 -0.14
CA ILE A 34 -3.21 3.58 1.03
C ILE A 34 -2.58 4.43 2.14
N PRO A 35 -2.65 3.94 3.40
CA PRO A 35 -2.09 4.66 4.54
C PRO A 35 -0.65 5.10 4.32
N GLU A 36 -0.22 6.11 5.06
CA GLU A 36 1.13 6.64 4.95
C GLU A 36 2.18 5.57 5.25
N LYS A 37 2.00 4.87 6.37
CA LYS A 37 2.94 3.83 6.78
C LYS A 37 2.75 2.55 5.96
N ASP A 38 1.62 2.45 5.25
CA ASP A 38 1.36 1.28 4.43
C ASP A 38 2.10 1.36 3.11
N ALA A 39 2.00 2.52 2.45
CA ALA A 39 2.67 2.72 1.16
C ALA A 39 4.19 2.68 1.32
N TYR A 40 4.66 2.97 2.54
CA TYR A 40 6.08 2.96 2.83
C TYR A 40 6.65 1.54 2.72
N ARG A 41 6.29 0.69 3.67
CA ARG A 41 6.76 -0.69 3.69
C ARG A 41 6.38 -1.42 2.41
N LEU A 42 5.27 -1.00 1.80
CA LEU A 42 4.80 -1.62 0.57
C LEU A 42 5.85 -1.53 -0.54
N GLU A 43 6.60 -0.43 -0.56
CA GLU A 43 7.64 -0.23 -1.56
C GLU A 43 8.82 -1.17 -1.32
N ILE A 44 9.04 -1.52 -0.05
CA ILE A 44 10.14 -2.40 0.30
C ILE A 44 9.80 -3.86 0.02
N VAL A 45 8.59 -4.26 0.42
CA VAL A 45 8.13 -5.63 0.21
C VAL A 45 8.18 -6.02 -1.27
N THR A 46 7.76 -5.08 -2.11
CA THR A 46 7.73 -5.30 -3.55
C THR A 46 9.09 -5.08 -4.20
N ALA A 47 10.17 -5.36 -3.47
CA ALA A 47 11.52 -5.18 -3.98
C ALA A 47 11.70 -3.82 -4.66
N GLY A 48 11.07 -2.80 -4.08
CA GLY A 48 11.17 -1.47 -4.64
C GLY A 48 10.49 -1.35 -6.00
N ALA A 49 9.55 -2.24 -6.27
CA ALA A 49 8.82 -2.23 -7.53
C ALA A 49 8.08 -0.92 -7.73
N LEU A 50 7.60 -0.36 -6.63
CA LEU A 50 6.87 0.90 -6.66
C LEU A 50 7.73 2.05 -6.13
N LYS A 51 7.14 3.24 -6.05
CA LYS A 51 7.85 4.41 -5.55
C LYS A 51 6.96 5.23 -4.63
N TYR A 52 7.39 5.37 -3.38
CA TYR A 52 6.64 6.14 -2.40
C TYR A 52 6.49 7.59 -2.84
N GLN A 53 5.35 8.20 -2.52
CA GLN A 53 5.09 9.59 -2.87
C GLN A 53 4.57 10.38 -1.68
N GLU A 54 5.50 10.95 -0.91
CA GLU A 54 5.15 11.73 0.27
C GLU A 54 4.25 12.90 -0.11
N ASN A 55 4.27 13.29 -1.38
CA ASN A 55 3.45 14.40 -1.85
C ASN A 55 1.99 14.23 -1.45
N ALA A 56 1.44 13.05 -1.71
CA ALA A 56 0.05 12.77 -1.38
C ALA A 56 -0.09 12.28 0.07
N TYR A 57 1.00 12.30 0.82
CA TYR A 57 1.00 11.86 2.21
C TYR A 57 1.31 13.01 3.16
N ARG A 58 1.88 14.09 2.63
CA ARG A 58 2.23 15.25 3.44
C ARG A 58 0.99 16.12 3.70
N GLN A 59 0.55 16.13 4.96
CA GLN A 59 -0.62 16.92 5.35
C GLN A 59 -0.44 17.48 6.76
N ALA A 60 -0.69 18.78 6.91
CA ALA A 60 -0.57 19.43 8.20
C ALA A 60 -1.75 20.36 8.46
N ALA A 61 -2.83 19.81 9.00
CA ALA A 61 -4.03 20.59 9.29
C ALA A 61 -4.62 20.19 10.63
N MET A 1 0.58 6.43 -3.94
CA MET A 1 0.36 4.98 -4.21
C MET A 1 -1.12 4.62 -4.12
N TYR A 2 -1.68 4.17 -5.23
CA TYR A 2 -3.08 3.78 -5.27
C TYR A 2 -3.26 2.31 -4.90
N LYS A 3 -4.37 2.00 -4.24
CA LYS A 3 -4.66 0.63 -3.83
C LYS A 3 -4.68 -0.31 -5.03
N LYS A 4 -5.32 0.12 -6.11
CA LYS A 4 -5.42 -0.67 -7.33
C LYS A 4 -4.04 -1.16 -7.77
N ASP A 5 -3.05 -0.28 -7.69
CA ASP A 5 -1.68 -0.62 -8.09
C ASP A 5 -1.14 -1.76 -7.23
N VAL A 6 -1.20 -1.58 -5.91
CA VAL A 6 -0.72 -2.58 -4.98
C VAL A 6 -1.40 -3.92 -5.20
N ILE A 7 -2.69 -3.88 -5.49
CA ILE A 7 -3.47 -5.10 -5.72
C ILE A 7 -3.10 -5.74 -7.06
N ASP A 8 -2.82 -4.91 -8.06
CA ASP A 8 -2.44 -5.39 -9.38
C ASP A 8 -1.00 -5.89 -9.37
N HIS A 9 -0.21 -5.37 -8.44
CA HIS A 9 1.18 -5.77 -8.33
C HIS A 9 1.32 -7.05 -7.52
N PHE A 10 0.35 -7.29 -6.64
CA PHE A 10 0.37 -8.49 -5.80
C PHE A 10 -0.49 -9.59 -6.41
N GLY A 11 -1.66 -9.21 -6.91
CA GLY A 11 -2.55 -10.19 -7.52
C GLY A 11 -3.78 -10.45 -6.67
N THR A 12 -3.63 -10.32 -5.36
CA THR A 12 -4.74 -10.54 -4.43
C THR A 12 -4.68 -9.55 -3.28
N GLN A 13 -5.73 -9.54 -2.47
CA GLN A 13 -5.81 -8.64 -1.33
C GLN A 13 -5.09 -9.23 -0.11
N ARG A 14 -5.44 -10.47 0.23
CA ARG A 14 -4.82 -11.15 1.37
C ARG A 14 -3.29 -11.13 1.26
N ALA A 15 -2.80 -11.10 0.02
CA ALA A 15 -1.36 -11.08 -0.21
C ALA A 15 -0.74 -9.80 0.32
N VAL A 16 -1.36 -8.67 0.02
CA VAL A 16 -0.86 -7.38 0.46
C VAL A 16 -0.79 -7.32 2.00
N ALA A 17 -1.70 -8.02 2.65
CA ALA A 17 -1.73 -8.05 4.11
C ALA A 17 -0.60 -8.89 4.67
N LYS A 18 -0.12 -9.86 3.88
CA LYS A 18 0.97 -10.73 4.30
C LYS A 18 2.31 -9.99 4.26
N ALA A 19 2.48 -9.15 3.24
CA ALA A 19 3.72 -8.39 3.08
C ALA A 19 3.89 -7.40 4.23
N LEU A 20 2.85 -6.62 4.50
CA LEU A 20 2.91 -5.63 5.56
C LEU A 20 2.68 -6.27 6.93
N GLY A 21 1.96 -7.39 6.94
CA GLY A 21 1.69 -8.09 8.19
C GLY A 21 0.36 -7.70 8.78
N ILE A 22 -0.57 -7.27 7.93
CA ILE A 22 -1.90 -6.87 8.39
C ILE A 22 -2.96 -7.87 7.91
N SER A 23 -4.22 -7.58 8.23
CA SER A 23 -5.32 -8.45 7.85
C SER A 23 -5.94 -7.98 6.53
N ASP A 24 -6.71 -8.86 5.91
CA ASP A 24 -7.37 -8.53 4.65
C ASP A 24 -8.29 -7.33 4.80
N ALA A 25 -8.86 -7.17 6.00
CA ALA A 25 -9.75 -6.06 6.27
C ALA A 25 -9.06 -4.72 6.06
N ALA A 26 -7.84 -4.60 6.59
CA ALA A 26 -7.06 -3.38 6.45
C ALA A 26 -6.83 -3.03 4.99
N VAL A 27 -6.63 -4.06 4.17
CA VAL A 27 -6.40 -3.87 2.74
C VAL A 27 -7.68 -3.45 2.02
N SER A 28 -8.78 -4.12 2.34
CA SER A 28 -10.06 -3.82 1.72
C SER A 28 -10.57 -2.45 2.18
N GLN A 29 -10.20 -2.06 3.38
CA GLN A 29 -10.62 -0.77 3.93
C GLN A 29 -9.83 0.38 3.31
N TRP A 30 -8.70 0.06 2.69
CA TRP A 30 -7.86 1.07 2.06
C TRP A 30 -8.67 1.93 1.09
N LYS A 31 -8.25 3.19 0.94
CA LYS A 31 -8.93 4.12 0.04
C LYS A 31 -8.12 4.32 -1.24
N GLU A 32 -8.52 5.31 -2.04
CA GLU A 32 -7.82 5.61 -3.29
C GLU A 32 -6.31 5.68 -3.07
N VAL A 33 -5.91 6.07 -1.87
CA VAL A 33 -4.50 6.18 -1.53
C VAL A 33 -4.20 5.42 -0.23
N ILE A 34 -3.37 4.38 -0.35
CA ILE A 34 -3.00 3.58 0.82
C ILE A 34 -2.45 4.45 1.94
N PRO A 35 -2.44 3.92 3.18
CA PRO A 35 -1.94 4.65 4.35
C PRO A 35 -0.53 5.19 4.15
N GLU A 36 -0.12 6.10 5.03
CA GLU A 36 1.20 6.71 4.96
C GLU A 36 2.29 5.70 5.36
N LYS A 37 1.97 4.80 6.28
CA LYS A 37 2.92 3.81 6.75
C LYS A 37 2.87 2.53 5.92
N ASP A 38 1.76 2.32 5.21
CA ASP A 38 1.60 1.13 4.39
C ASP A 38 2.34 1.30 3.07
N ALA A 39 2.24 2.49 2.49
CA ALA A 39 2.91 2.77 1.23
C ALA A 39 4.42 2.69 1.37
N TYR A 40 4.91 2.92 2.59
CA TYR A 40 6.34 2.88 2.85
C TYR A 40 6.89 1.46 2.71
N ARG A 41 6.51 0.59 3.64
CA ARG A 41 6.97 -0.80 3.61
C ARG A 41 6.64 -1.47 2.27
N LEU A 42 5.57 -0.98 1.63
CA LEU A 42 5.14 -1.53 0.35
C LEU A 42 6.26 -1.41 -0.70
N GLU A 43 7.03 -0.34 -0.61
CA GLU A 43 8.12 -0.10 -1.55
C GLU A 43 9.25 -1.10 -1.35
N ILE A 44 9.31 -1.69 -0.15
CA ILE A 44 10.36 -2.67 0.15
C ILE A 44 9.95 -4.07 -0.29
N VAL A 45 8.74 -4.48 0.08
CA VAL A 45 8.24 -5.81 -0.28
C VAL A 45 8.23 -6.00 -1.79
N THR A 46 7.92 -4.94 -2.52
CA THR A 46 7.87 -4.99 -3.97
C THR A 46 9.25 -4.86 -4.59
N ALA A 47 10.30 -4.90 -3.77
CA ALA A 47 11.67 -4.78 -4.25
C ALA A 47 11.92 -3.39 -4.84
N GLY A 48 11.27 -2.39 -4.28
CA GLY A 48 11.43 -1.03 -4.76
C GLY A 48 10.68 -0.77 -6.05
N ALA A 49 9.58 -1.50 -6.25
CA ALA A 49 8.77 -1.35 -7.46
C ALA A 49 7.94 -0.07 -7.38
N LEU A 50 7.22 0.10 -6.27
CA LEU A 50 6.38 1.28 -6.09
C LEU A 50 7.16 2.38 -5.35
N LYS A 51 7.37 3.50 -6.02
CA LYS A 51 8.09 4.62 -5.44
C LYS A 51 7.18 5.44 -4.53
N TYR A 52 7.60 5.61 -3.27
CA TYR A 52 6.83 6.37 -2.31
C TYR A 52 6.76 7.84 -2.70
N GLN A 53 5.66 8.50 -2.33
CA GLN A 53 5.47 9.91 -2.64
C GLN A 53 4.73 10.62 -1.52
N GLU A 54 5.45 11.47 -0.79
CA GLU A 54 4.87 12.22 0.32
C GLU A 54 3.75 13.15 -0.16
N ASN A 55 3.69 13.39 -1.47
CA ASN A 55 2.67 14.26 -2.04
C ASN A 55 1.29 13.97 -1.47
N ALA A 56 0.88 12.71 -1.52
CA ALA A 56 -0.42 12.29 -1.02
C ALA A 56 -0.40 12.16 0.50
N TYR A 57 0.78 11.94 1.06
CA TYR A 57 0.93 11.79 2.51
C TYR A 57 1.55 13.04 3.12
N ARG A 58 1.16 14.21 2.61
CA ARG A 58 1.67 15.48 3.10
C ARG A 58 0.64 16.19 3.97
N GLN A 59 -0.62 16.10 3.57
CA GLN A 59 -1.70 16.73 4.32
C GLN A 59 -2.63 15.69 4.94
N ALA A 60 -2.85 14.59 4.21
CA ALA A 60 -3.72 13.52 4.68
C ALA A 60 -3.15 12.89 5.95
N ALA A 61 -3.99 12.15 6.66
CA ALA A 61 -3.59 11.49 7.89
C ALA A 61 -4.01 10.02 7.90
N MET A 1 0.85 5.50 -2.68
CA MET A 1 0.40 5.35 -4.09
C MET A 1 -1.08 4.98 -4.15
N TYR A 2 -1.54 4.61 -5.34
CA TYR A 2 -2.93 4.21 -5.53
C TYR A 2 -3.16 2.75 -5.17
N LYS A 3 -4.24 2.48 -4.46
CA LYS A 3 -4.57 1.13 -4.04
C LYS A 3 -4.68 0.19 -5.25
N LYS A 4 -5.05 0.75 -6.39
CA LYS A 4 -5.19 -0.03 -7.61
C LYS A 4 -3.87 -0.67 -8.01
N ASP A 5 -2.81 0.12 -8.04
CA ASP A 5 -1.49 -0.38 -8.39
C ASP A 5 -1.05 -1.50 -7.46
N VAL A 6 -1.21 -1.27 -6.16
CA VAL A 6 -0.83 -2.25 -5.15
C VAL A 6 -1.52 -3.58 -5.41
N ILE A 7 -2.84 -3.55 -5.49
CA ILE A 7 -3.63 -4.76 -5.73
C ILE A 7 -3.22 -5.43 -7.04
N ASP A 8 -2.82 -4.61 -8.00
CA ASP A 8 -2.40 -5.13 -9.31
C ASP A 8 -1.00 -5.71 -9.22
N HIS A 9 -0.23 -5.26 -8.24
CA HIS A 9 1.13 -5.75 -8.05
C HIS A 9 1.13 -7.03 -7.22
N PHE A 10 0.17 -7.13 -6.32
CA PHE A 10 0.05 -8.31 -5.45
C PHE A 10 -0.90 -9.34 -6.06
N GLY A 11 -1.94 -8.86 -6.73
CA GLY A 11 -2.90 -9.76 -7.35
C GLY A 11 -4.06 -10.06 -6.44
N THR A 12 -3.76 -10.38 -5.18
CA THR A 12 -4.79 -10.69 -4.21
C THR A 12 -4.58 -9.89 -2.92
N GLN A 13 -5.69 -9.54 -2.26
CA GLN A 13 -5.62 -8.78 -1.02
C GLN A 13 -4.79 -9.50 0.03
N ARG A 14 -5.16 -10.74 0.32
CA ARG A 14 -4.45 -11.54 1.32
C ARG A 14 -2.94 -11.46 1.12
N ALA A 15 -2.52 -11.30 -0.12
CA ALA A 15 -1.09 -11.20 -0.43
C ALA A 15 -0.48 -9.97 0.22
N VAL A 16 -1.07 -8.81 -0.03
CA VAL A 16 -0.60 -7.56 0.53
C VAL A 16 -0.58 -7.61 2.05
N ALA A 17 -1.61 -8.23 2.62
CA ALA A 17 -1.72 -8.34 4.07
C ALA A 17 -0.65 -9.28 4.63
N LYS A 18 -0.27 -10.27 3.84
CA LYS A 18 0.75 -11.23 4.25
C LYS A 18 2.15 -10.65 4.09
N ALA A 19 2.35 -9.87 3.04
CA ALA A 19 3.64 -9.25 2.79
C ALA A 19 3.91 -8.10 3.75
N LEU A 20 2.87 -7.29 3.98
CA LEU A 20 2.99 -6.14 4.88
C LEU A 20 2.88 -6.58 6.34
N GLY A 21 2.08 -7.61 6.59
CA GLY A 21 1.90 -8.10 7.93
C GLY A 21 0.61 -7.61 8.57
N ILE A 22 -0.38 -7.31 7.74
CA ILE A 22 -1.67 -6.84 8.23
C ILE A 22 -2.79 -7.81 7.89
N SER A 23 -4.01 -7.47 8.28
CA SER A 23 -5.17 -8.32 8.01
C SER A 23 -5.79 -7.98 6.67
N ASP A 24 -6.58 -8.91 6.13
CA ASP A 24 -7.24 -8.70 4.85
C ASP A 24 -8.17 -7.49 4.90
N ALA A 25 -8.74 -7.25 6.08
CA ALA A 25 -9.66 -6.12 6.26
C ALA A 25 -8.93 -4.79 6.10
N ALA A 26 -7.73 -4.71 6.67
CA ALA A 26 -6.93 -3.49 6.59
C ALA A 26 -6.63 -3.13 5.15
N VAL A 27 -6.52 -4.15 4.30
CA VAL A 27 -6.24 -3.93 2.88
C VAL A 27 -7.46 -3.44 2.13
N SER A 28 -8.60 -4.09 2.38
CA SER A 28 -9.85 -3.70 1.73
C SER A 28 -10.31 -2.33 2.20
N GLN A 29 -10.11 -2.05 3.48
CA GLN A 29 -10.51 -0.77 4.06
C GLN A 29 -9.80 0.38 3.38
N TRP A 30 -8.68 0.10 2.72
CA TRP A 30 -7.91 1.12 2.03
C TRP A 30 -8.78 1.92 1.07
N LYS A 31 -8.32 3.13 0.75
CA LYS A 31 -9.05 4.02 -0.15
C LYS A 31 -8.21 4.35 -1.38
N GLU A 32 -8.61 5.38 -2.11
CA GLU A 32 -7.89 5.80 -3.31
C GLU A 32 -6.38 5.85 -3.07
N VAL A 33 -5.99 6.27 -1.87
CA VAL A 33 -4.58 6.35 -1.51
C VAL A 33 -4.28 5.52 -0.27
N ILE A 34 -3.43 4.52 -0.43
CA ILE A 34 -3.06 3.64 0.67
C ILE A 34 -2.52 4.43 1.86
N PRO A 35 -2.54 3.84 3.07
CA PRO A 35 -2.05 4.50 4.28
C PRO A 35 -0.63 5.02 4.12
N GLU A 36 -0.27 6.00 4.95
CA GLU A 36 1.06 6.59 4.91
C GLU A 36 2.13 5.60 5.36
N LYS A 37 1.77 4.73 6.30
CA LYS A 37 2.72 3.75 6.82
C LYS A 37 2.70 2.45 6.02
N ASP A 38 1.59 2.20 5.32
CA ASP A 38 1.47 0.99 4.52
C ASP A 38 2.20 1.15 3.19
N ALA A 39 2.07 2.34 2.60
CA ALA A 39 2.72 2.62 1.33
C ALA A 39 4.24 2.60 1.47
N TYR A 40 4.71 2.90 2.67
CA TYR A 40 6.14 2.92 2.94
C TYR A 40 6.72 1.51 2.88
N ARG A 41 6.18 0.62 3.70
CA ARG A 41 6.65 -0.76 3.74
C ARG A 41 6.43 -1.45 2.39
N LEU A 42 5.40 -1.02 1.67
CA LEU A 42 5.08 -1.59 0.37
C LEU A 42 6.27 -1.49 -0.58
N GLU A 43 6.83 -0.29 -0.70
CA GLU A 43 7.97 -0.05 -1.58
C GLU A 43 9.09 -1.05 -1.31
N ILE A 44 9.42 -1.23 -0.03
CA ILE A 44 10.47 -2.16 0.37
C ILE A 44 10.05 -3.60 0.17
N VAL A 45 8.83 -3.91 0.59
CA VAL A 45 8.30 -5.27 0.45
C VAL A 45 8.24 -5.71 -1.01
N THR A 46 7.91 -4.78 -1.89
CA THR A 46 7.81 -5.07 -3.32
C THR A 46 9.16 -4.89 -4.02
N ALA A 47 10.24 -5.26 -3.35
CA ALA A 47 11.57 -5.15 -3.93
C ALA A 47 11.81 -3.78 -4.56
N GLY A 48 11.12 -2.76 -4.04
CA GLY A 48 11.27 -1.42 -4.57
C GLY A 48 10.65 -1.27 -5.94
N ALA A 49 9.58 -2.02 -6.20
CA ALA A 49 8.90 -1.96 -7.49
C ALA A 49 8.19 -0.62 -7.68
N LEU A 50 7.49 -0.18 -6.63
CA LEU A 50 6.77 1.08 -6.68
C LEU A 50 7.61 2.21 -6.10
N LYS A 51 7.09 3.43 -6.16
CA LYS A 51 7.79 4.59 -5.64
C LYS A 51 6.93 5.36 -4.64
N TYR A 52 7.48 5.58 -3.44
CA TYR A 52 6.75 6.31 -2.41
C TYR A 52 6.91 7.81 -2.58
N GLN A 53 5.80 8.49 -2.85
CA GLN A 53 5.80 9.93 -3.03
C GLN A 53 5.13 10.62 -1.86
N GLU A 54 5.72 11.73 -1.40
CA GLU A 54 5.18 12.48 -0.28
C GLU A 54 4.20 13.55 -0.75
N ASN A 55 3.32 13.17 -1.67
CA ASN A 55 2.32 14.10 -2.20
C ASN A 55 1.05 14.05 -1.36
N ALA A 56 0.27 12.98 -1.54
CA ALA A 56 -0.98 12.82 -0.81
C ALA A 56 -0.71 12.58 0.68
N TYR A 57 0.55 12.28 1.02
CA TYR A 57 0.93 12.03 2.40
C TYR A 57 1.35 13.33 3.10
N ARG A 58 1.07 14.46 2.48
CA ARG A 58 1.41 15.76 3.05
C ARG A 58 0.18 16.64 3.22
N GLN A 59 -0.41 16.61 4.41
CA GLN A 59 -1.59 17.41 4.71
C GLN A 59 -1.21 18.78 5.21
N ALA A 60 -0.49 19.54 4.38
CA ALA A 60 -0.06 20.88 4.74
C ALA A 60 -0.93 21.93 4.06
N ALA A 61 -2.19 21.61 3.83
CA ALA A 61 -3.13 22.53 3.18
C ALA A 61 -4.55 22.30 3.68
N MET A 1 0.51 6.63 -3.30
CA MET A 1 0.36 5.19 -3.65
C MET A 1 -1.11 4.79 -3.68
N TYR A 2 -1.58 4.37 -4.85
CA TYR A 2 -2.97 3.95 -5.02
C TYR A 2 -3.13 2.48 -4.72
N LYS A 3 -4.28 2.12 -4.14
CA LYS A 3 -4.56 0.74 -3.79
C LYS A 3 -4.60 -0.15 -5.03
N LYS A 4 -5.22 0.35 -6.10
CA LYS A 4 -5.32 -0.39 -7.35
C LYS A 4 -3.95 -0.85 -7.84
N ASP A 5 -2.90 -0.12 -7.43
CA ASP A 5 -1.54 -0.45 -7.84
C ASP A 5 -1.02 -1.65 -7.06
N VAL A 6 -1.20 -1.62 -5.74
CA VAL A 6 -0.74 -2.69 -4.87
C VAL A 6 -1.31 -4.04 -5.32
N ILE A 7 -2.63 -4.12 -5.39
CA ILE A 7 -3.30 -5.36 -5.80
C ILE A 7 -2.86 -5.76 -7.21
N ASP A 8 -2.43 -4.80 -8.01
CA ASP A 8 -1.99 -5.06 -9.37
C ASP A 8 -0.60 -5.67 -9.35
N HIS A 9 0.17 -5.35 -8.31
CA HIS A 9 1.52 -5.86 -8.17
C HIS A 9 1.51 -7.16 -7.38
N PHE A 10 0.54 -7.31 -6.48
CA PHE A 10 0.41 -8.50 -5.66
C PHE A 10 -0.49 -9.54 -6.31
N GLY A 11 -1.64 -9.09 -6.81
CA GLY A 11 -2.57 -9.98 -7.46
C GLY A 11 -3.80 -10.26 -6.61
N THR A 12 -3.58 -10.44 -5.31
CA THR A 12 -4.68 -10.71 -4.39
C THR A 12 -4.68 -9.74 -3.23
N GLN A 13 -5.69 -9.83 -2.37
CA GLN A 13 -5.80 -8.95 -1.22
C GLN A 13 -5.05 -9.52 -0.02
N ARG A 14 -5.32 -10.78 0.30
CA ARG A 14 -4.66 -11.45 1.42
C ARG A 14 -3.14 -11.36 1.31
N ALA A 15 -2.65 -11.31 0.07
CA ALA A 15 -1.21 -11.22 -0.18
C ALA A 15 -0.64 -9.94 0.41
N VAL A 16 -1.33 -8.82 0.16
CA VAL A 16 -0.90 -7.53 0.66
C VAL A 16 -0.84 -7.52 2.19
N ALA A 17 -1.81 -8.17 2.81
CA ALA A 17 -1.86 -8.24 4.27
C ALA A 17 -0.68 -9.04 4.82
N LYS A 18 -0.18 -9.97 4.02
CA LYS A 18 0.96 -10.80 4.43
C LYS A 18 2.29 -10.16 4.03
N ALA A 19 2.26 -8.86 3.70
CA ALA A 19 3.46 -8.16 3.31
C ALA A 19 3.87 -7.13 4.37
N LEU A 20 2.88 -6.41 4.89
CA LEU A 20 3.13 -5.40 5.91
C LEU A 20 2.87 -5.95 7.30
N GLY A 21 1.95 -6.90 7.40
CA GLY A 21 1.63 -7.50 8.68
C GLY A 21 0.22 -7.17 9.14
N ILE A 22 -0.67 -6.92 8.18
CA ILE A 22 -2.05 -6.59 8.49
C ILE A 22 -3.00 -7.67 8.01
N SER A 23 -4.29 -7.45 8.22
CA SER A 23 -5.31 -8.42 7.80
C SER A 23 -5.91 -8.03 6.46
N ASP A 24 -6.62 -8.96 5.84
CA ASP A 24 -7.25 -8.71 4.55
C ASP A 24 -8.26 -7.57 4.64
N ALA A 25 -8.88 -7.43 5.82
CA ALA A 25 -9.86 -6.38 6.04
C ALA A 25 -9.23 -4.99 5.86
N ALA A 26 -8.06 -4.79 6.45
CA ALA A 26 -7.37 -3.52 6.35
C ALA A 26 -7.07 -3.17 4.90
N VAL A 27 -6.73 -4.17 4.11
CA VAL A 27 -6.43 -3.98 2.69
C VAL A 27 -7.68 -3.62 1.90
N SER A 28 -8.79 -4.26 2.24
CA SER A 28 -10.05 -4.01 1.56
C SER A 28 -10.59 -2.62 1.88
N GLN A 29 -10.26 -2.13 3.07
CA GLN A 29 -10.70 -0.81 3.50
C GLN A 29 -9.87 0.30 2.86
N TRP A 30 -8.70 -0.06 2.33
CA TRP A 30 -7.82 0.91 1.69
C TRP A 30 -8.55 1.71 0.62
N LYS A 31 -8.51 3.03 0.75
CA LYS A 31 -9.17 3.91 -0.21
C LYS A 31 -8.26 4.23 -1.38
N GLU A 32 -8.60 5.27 -2.14
CA GLU A 32 -7.80 5.68 -3.29
C GLU A 32 -6.32 5.79 -2.92
N VAL A 33 -6.05 6.09 -1.65
CA VAL A 33 -4.69 6.23 -1.18
C VAL A 33 -4.46 5.44 0.09
N ILE A 34 -3.53 4.49 0.05
CA ILE A 34 -3.21 3.66 1.20
C ILE A 34 -2.51 4.46 2.29
N PRO A 35 -2.53 3.97 3.54
CA PRO A 35 -1.89 4.65 4.67
C PRO A 35 -0.45 5.06 4.37
N GLU A 36 0.05 6.04 5.12
CA GLU A 36 1.41 6.53 4.94
C GLU A 36 2.43 5.48 5.37
N LYS A 37 2.06 4.64 6.32
CA LYS A 37 2.95 3.59 6.81
C LYS A 37 2.81 2.31 6.01
N ASP A 38 1.66 2.14 5.35
CA ASP A 38 1.42 0.94 4.55
C ASP A 38 2.11 1.05 3.20
N ALA A 39 1.98 2.22 2.58
CA ALA A 39 2.59 2.46 1.27
C ALA A 39 4.11 2.45 1.39
N TYR A 40 4.63 2.73 2.58
CA TYR A 40 6.07 2.74 2.82
C TYR A 40 6.65 1.34 2.68
N ARG A 41 6.16 0.41 3.50
CA ARG A 41 6.63 -0.97 3.47
C ARG A 41 6.46 -1.57 2.08
N LEU A 42 5.36 -1.23 1.42
CA LEU A 42 5.07 -1.75 0.09
C LEU A 42 6.24 -1.49 -0.87
N GLU A 43 6.69 -0.23 -0.93
CA GLU A 43 7.79 0.15 -1.80
C GLU A 43 8.99 -0.78 -1.61
N ILE A 44 9.13 -1.31 -0.40
CA ILE A 44 10.24 -2.21 -0.08
C ILE A 44 9.85 -3.65 -0.37
N VAL A 45 8.64 -4.04 0.03
CA VAL A 45 8.15 -5.39 -0.19
C VAL A 45 7.98 -5.69 -1.68
N THR A 46 7.86 -4.65 -2.48
CA THR A 46 7.69 -4.81 -3.92
C THR A 46 9.04 -4.79 -4.65
N ALA A 47 10.10 -5.12 -3.93
CA ALA A 47 11.44 -5.14 -4.52
C ALA A 47 11.79 -3.78 -5.12
N GLY A 48 11.26 -2.72 -4.53
CA GLY A 48 11.52 -1.38 -5.03
C GLY A 48 10.85 -1.11 -6.35
N ALA A 49 9.75 -1.82 -6.61
CA ALA A 49 9.01 -1.64 -7.86
C ALA A 49 8.24 -0.32 -7.86
N LEU A 50 7.43 -0.13 -6.83
CA LEU A 50 6.64 1.10 -6.70
C LEU A 50 7.49 2.25 -6.16
N LYS A 51 6.97 3.46 -6.29
CA LYS A 51 7.69 4.64 -5.80
C LYS A 51 6.83 5.43 -4.81
N TYR A 52 7.35 5.58 -3.59
CA TYR A 52 6.64 6.30 -2.55
C TYR A 52 6.78 7.81 -2.74
N GLN A 53 5.64 8.49 -2.87
CA GLN A 53 5.63 9.94 -3.06
C GLN A 53 5.04 10.63 -1.84
N GLU A 54 5.75 11.61 -1.31
CA GLU A 54 5.31 12.36 -0.14
C GLU A 54 4.47 13.58 -0.54
N ASN A 55 3.68 13.43 -1.59
CA ASN A 55 2.84 14.52 -2.08
C ASN A 55 1.48 14.49 -1.39
N ALA A 56 1.01 13.29 -1.06
CA ALA A 56 -0.28 13.11 -0.41
C ALA A 56 -0.10 12.84 1.08
N TYR A 57 1.07 12.32 1.45
CA TYR A 57 1.36 12.02 2.85
C TYR A 57 2.08 13.17 3.53
N ARG A 58 1.99 14.36 2.94
CA ARG A 58 2.64 15.55 3.50
C ARG A 58 1.64 16.39 4.30
N GLN A 59 0.85 15.71 5.13
CA GLN A 59 -0.14 16.39 5.96
C GLN A 59 0.06 16.07 7.44
N ALA A 60 1.31 15.86 7.82
CA ALA A 60 1.63 15.54 9.21
C ALA A 60 2.97 16.15 9.61
N ALA A 61 3.28 17.31 9.05
CA ALA A 61 4.53 18.00 9.35
C ALA A 61 4.35 19.52 9.28
N MET A 1 0.38 6.31 -3.28
CA MET A 1 0.28 4.90 -3.76
C MET A 1 -1.16 4.46 -3.89
N TYR A 2 -1.65 4.41 -5.12
CA TYR A 2 -3.03 4.00 -5.39
C TYR A 2 -3.19 2.50 -5.19
N LYS A 3 -4.15 2.11 -4.34
CA LYS A 3 -4.41 0.71 -4.07
C LYS A 3 -4.62 -0.08 -5.36
N LYS A 4 -5.10 0.61 -6.39
CA LYS A 4 -5.35 -0.02 -7.68
C LYS A 4 -4.07 -0.66 -8.23
N ASP A 5 -2.97 0.08 -8.13
CA ASP A 5 -1.69 -0.41 -8.62
C ASP A 5 -1.17 -1.53 -7.72
N VAL A 6 -1.26 -1.33 -6.42
CA VAL A 6 -0.80 -2.31 -5.46
C VAL A 6 -1.51 -3.65 -5.66
N ILE A 7 -2.84 -3.61 -5.69
CA ILE A 7 -3.64 -4.81 -5.89
C ILE A 7 -3.24 -5.53 -7.17
N ASP A 8 -2.77 -4.76 -8.16
CA ASP A 8 -2.35 -5.33 -9.43
C ASP A 8 -0.98 -5.97 -9.31
N HIS A 9 -0.17 -5.43 -8.39
CA HIS A 9 1.17 -5.95 -8.15
C HIS A 9 1.12 -7.14 -7.19
N PHE A 10 0.15 -7.11 -6.28
CA PHE A 10 -0.01 -8.17 -5.30
C PHE A 10 -0.96 -9.24 -5.81
N GLY A 11 -1.90 -8.85 -6.67
CA GLY A 11 -2.85 -9.78 -7.22
C GLY A 11 -4.13 -9.85 -6.41
N THR A 12 -3.99 -9.92 -5.09
CA THR A 12 -5.14 -9.98 -4.20
C THR A 12 -4.86 -9.23 -2.90
N GLN A 13 -5.83 -9.25 -1.98
CA GLN A 13 -5.68 -8.57 -0.71
C GLN A 13 -4.75 -9.35 0.21
N ARG A 14 -4.92 -10.67 0.24
CA ARG A 14 -4.08 -11.54 1.09
C ARG A 14 -2.61 -11.34 0.78
N ALA A 15 -2.30 -11.17 -0.50
CA ALA A 15 -0.91 -10.96 -0.92
C ALA A 15 -0.30 -9.74 -0.26
N VAL A 16 -1.10 -8.68 -0.13
CA VAL A 16 -0.64 -7.45 0.50
C VAL A 16 -0.61 -7.58 2.01
N ALA A 17 -1.65 -8.20 2.56
CA ALA A 17 -1.75 -8.39 4.01
C ALA A 17 -0.52 -9.10 4.56
N LYS A 18 0.01 -10.04 3.78
CA LYS A 18 1.19 -10.79 4.20
C LYS A 18 2.46 -9.96 4.03
N ALA A 19 2.41 -9.00 3.10
CA ALA A 19 3.56 -8.14 2.84
C ALA A 19 3.82 -7.19 4.01
N LEU A 20 2.81 -6.37 4.32
CA LEU A 20 2.93 -5.41 5.41
C LEU A 20 2.70 -6.08 6.77
N GLY A 21 1.99 -7.20 6.76
CA GLY A 21 1.73 -7.93 7.99
C GLY A 21 0.37 -7.60 8.58
N ILE A 22 -0.57 -7.23 7.71
CA ILE A 22 -1.92 -6.89 8.15
C ILE A 22 -2.93 -7.93 7.70
N SER A 23 -4.19 -7.72 8.04
CA SER A 23 -5.25 -8.65 7.67
C SER A 23 -5.95 -8.19 6.39
N ASP A 24 -6.77 -9.07 5.82
CA ASP A 24 -7.51 -8.75 4.60
C ASP A 24 -8.38 -7.52 4.80
N ALA A 25 -8.86 -7.32 6.03
CA ALA A 25 -9.70 -6.18 6.34
C ALA A 25 -8.95 -4.87 6.17
N ALA A 26 -7.72 -4.83 6.66
CA ALA A 26 -6.89 -3.63 6.56
C ALA A 26 -6.70 -3.22 5.10
N VAL A 27 -6.39 -4.19 4.25
CA VAL A 27 -6.18 -3.93 2.83
C VAL A 27 -7.49 -3.54 2.16
N SER A 28 -8.58 -4.18 2.57
CA SER A 28 -9.89 -3.91 2.01
C SER A 28 -10.42 -2.55 2.46
N GLN A 29 -10.10 -2.19 3.71
CA GLN A 29 -10.53 -0.92 4.28
C GLN A 29 -9.84 0.25 3.58
N TRP A 30 -8.73 -0.02 2.91
CA TRP A 30 -7.98 1.02 2.20
C TRP A 30 -8.88 1.81 1.27
N LYS A 31 -8.29 2.76 0.55
CA LYS A 31 -9.03 3.60 -0.38
C LYS A 31 -8.17 3.98 -1.57
N GLU A 32 -8.59 5.00 -2.31
CA GLU A 32 -7.84 5.47 -3.48
C GLU A 32 -6.36 5.69 -3.14
N VAL A 33 -6.08 5.97 -1.87
CA VAL A 33 -4.72 6.19 -1.42
C VAL A 33 -4.45 5.47 -0.10
N ILE A 34 -3.55 4.48 -0.13
CA ILE A 34 -3.22 3.72 1.06
C ILE A 34 -2.53 4.60 2.11
N PRO A 35 -2.51 4.15 3.38
CA PRO A 35 -1.88 4.91 4.47
C PRO A 35 -0.44 5.29 4.14
N GLU A 36 0.09 6.25 4.90
CA GLU A 36 1.46 6.71 4.70
C GLU A 36 2.47 5.67 5.18
N LYS A 37 2.08 4.91 6.19
CA LYS A 37 2.95 3.88 6.75
C LYS A 37 2.86 2.57 5.97
N ASP A 38 1.73 2.40 5.28
CA ASP A 38 1.52 1.18 4.48
C ASP A 38 2.25 1.30 3.16
N ALA A 39 2.09 2.45 2.51
CA ALA A 39 2.75 2.71 1.23
C ALA A 39 4.26 2.65 1.38
N TYR A 40 4.75 2.90 2.59
CA TYR A 40 6.18 2.89 2.86
C TYR A 40 6.75 1.47 2.73
N ARG A 41 6.18 0.54 3.50
CA ARG A 41 6.62 -0.85 3.49
C ARG A 41 6.60 -1.43 2.08
N LEU A 42 5.79 -0.84 1.20
CA LEU A 42 5.66 -1.32 -0.18
C LEU A 42 7.04 -1.44 -0.84
N GLU A 43 7.77 -0.33 -0.88
CA GLU A 43 9.09 -0.31 -1.51
C GLU A 43 10.00 -1.38 -0.91
N ILE A 44 9.70 -1.81 0.30
CA ILE A 44 10.51 -2.82 0.97
C ILE A 44 10.06 -4.23 0.59
N VAL A 45 8.75 -4.48 0.71
CA VAL A 45 8.19 -5.79 0.39
C VAL A 45 8.19 -6.03 -1.12
N THR A 46 7.81 -5.00 -1.87
CA THR A 46 7.75 -5.10 -3.33
C THR A 46 9.14 -4.95 -3.97
N ALA A 47 10.17 -4.84 -3.14
CA ALA A 47 11.53 -4.69 -3.64
C ALA A 47 11.68 -3.40 -4.44
N GLY A 48 10.91 -2.39 -4.07
CA GLY A 48 10.97 -1.11 -4.76
C GLY A 48 10.19 -1.11 -6.05
N ALA A 49 9.16 -1.95 -6.12
CA ALA A 49 8.32 -2.05 -7.31
C ALA A 49 7.67 -0.69 -7.62
N LEU A 50 7.03 -0.11 -6.62
CA LEU A 50 6.37 1.18 -6.78
C LEU A 50 7.25 2.31 -6.26
N LYS A 51 6.73 3.53 -6.32
CA LYS A 51 7.48 4.70 -5.85
C LYS A 51 6.73 5.40 -4.71
N TYR A 52 7.21 5.20 -3.49
CA TYR A 52 6.59 5.81 -2.32
C TYR A 52 6.87 7.31 -2.29
N GLN A 53 5.80 8.10 -2.41
CA GLN A 53 5.92 9.55 -2.38
C GLN A 53 5.05 10.15 -1.29
N GLU A 54 5.63 11.07 -0.51
CA GLU A 54 4.90 11.72 0.58
C GLU A 54 4.20 12.99 0.10
N ASN A 55 3.88 13.04 -1.19
CA ASN A 55 3.20 14.20 -1.75
C ASN A 55 1.75 14.25 -1.30
N ALA A 56 0.92 13.39 -1.87
CA ALA A 56 -0.49 13.32 -1.52
C ALA A 56 -0.66 12.94 -0.06
N TYR A 57 0.39 12.37 0.54
CA TYR A 57 0.35 11.96 1.93
C TYR A 57 0.55 13.15 2.87
N ARG A 58 1.03 14.26 2.32
CA ARG A 58 1.27 15.46 3.11
C ARG A 58 -0.03 16.21 3.35
N GLN A 59 0.07 17.39 3.96
CA GLN A 59 -1.10 18.21 4.26
C GLN A 59 -1.25 19.33 3.22
N ALA A 60 -2.43 19.95 3.21
CA ALA A 60 -2.71 21.04 2.27
C ALA A 60 -2.71 20.52 0.83
N ALA A 61 -1.52 20.34 0.27
CA ALA A 61 -1.39 19.85 -1.10
C ALA A 61 -1.52 18.33 -1.16
N MET A 1 0.87 5.61 -2.65
CA MET A 1 0.30 5.14 -3.95
C MET A 1 -1.16 4.73 -3.79
N TYR A 2 -1.83 4.52 -4.92
CA TYR A 2 -3.23 4.11 -4.91
C TYR A 2 -3.37 2.63 -4.56
N LYS A 3 -4.55 2.25 -4.11
CA LYS A 3 -4.81 0.85 -3.75
C LYS A 3 -4.89 -0.03 -4.98
N LYS A 4 -5.32 0.55 -6.10
CA LYS A 4 -5.42 -0.19 -7.35
C LYS A 4 -4.07 -0.73 -7.80
N ASP A 5 -3.05 0.12 -7.70
CA ASP A 5 -1.70 -0.27 -8.10
C ASP A 5 -1.20 -1.44 -7.25
N VAL A 6 -1.28 -1.29 -5.93
CA VAL A 6 -0.85 -2.34 -5.02
C VAL A 6 -1.51 -3.67 -5.34
N ILE A 7 -2.83 -3.67 -5.41
CA ILE A 7 -3.59 -4.87 -5.71
C ILE A 7 -3.17 -5.47 -7.05
N ASP A 8 -2.73 -4.61 -7.96
CA ASP A 8 -2.29 -5.04 -9.28
C ASP A 8 -0.89 -5.67 -9.20
N HIS A 9 -0.12 -5.23 -8.21
CA HIS A 9 1.22 -5.75 -8.01
C HIS A 9 1.20 -7.03 -7.17
N PHE A 10 0.23 -7.12 -6.28
CA PHE A 10 0.08 -8.29 -5.42
C PHE A 10 -0.88 -9.30 -6.01
N GLY A 11 -1.90 -8.82 -6.71
CA GLY A 11 -2.87 -9.71 -7.31
C GLY A 11 -4.06 -9.97 -6.40
N THR A 12 -3.77 -10.26 -5.14
CA THR A 12 -4.80 -10.53 -4.15
C THR A 12 -4.55 -9.75 -2.87
N GLN A 13 -5.60 -9.18 -2.30
CA GLN A 13 -5.48 -8.39 -1.07
C GLN A 13 -4.73 -9.18 0.01
N ARG A 14 -5.16 -10.41 0.25
CA ARG A 14 -4.53 -11.26 1.26
C ARG A 14 -3.01 -11.25 1.12
N ALA A 15 -2.53 -11.14 -0.12
CA ALA A 15 -1.09 -11.12 -0.38
C ALA A 15 -0.44 -9.89 0.24
N VAL A 16 -1.02 -8.72 -0.03
CA VAL A 16 -0.49 -7.47 0.51
C VAL A 16 -0.39 -7.52 2.02
N ALA A 17 -1.43 -8.05 2.66
CA ALA A 17 -1.46 -8.16 4.12
C ALA A 17 -0.31 -9.01 4.63
N LYS A 18 0.16 -9.94 3.81
CA LYS A 18 1.27 -10.82 4.18
C LYS A 18 2.59 -10.07 4.14
N ALA A 19 2.69 -9.08 3.26
CA ALA A 19 3.90 -8.28 3.13
C ALA A 19 3.98 -7.21 4.22
N LEU A 20 2.83 -6.66 4.57
CA LEU A 20 2.77 -5.62 5.60
C LEU A 20 2.58 -6.24 6.98
N GLY A 21 1.89 -7.37 7.03
CA GLY A 21 1.65 -8.04 8.30
C GLY A 21 0.33 -7.63 8.92
N ILE A 22 -0.62 -7.22 8.07
CA ILE A 22 -1.94 -6.80 8.55
C ILE A 22 -3.01 -7.79 8.10
N SER A 23 -4.26 -7.48 8.45
CA SER A 23 -5.39 -8.33 8.08
C SER A 23 -5.88 -8.01 6.68
N ASP A 24 -6.63 -8.95 6.09
CA ASP A 24 -7.16 -8.75 4.75
C ASP A 24 -8.16 -7.61 4.71
N ALA A 25 -8.89 -7.43 5.81
CA ALA A 25 -9.89 -6.37 5.91
C ALA A 25 -9.25 -5.00 5.74
N ALA A 26 -8.12 -4.79 6.39
CA ALA A 26 -7.40 -3.52 6.32
C ALA A 26 -7.02 -3.19 4.87
N VAL A 27 -6.74 -4.23 4.09
CA VAL A 27 -6.35 -4.05 2.70
C VAL A 27 -7.55 -3.66 1.84
N SER A 28 -8.68 -4.31 2.08
CA SER A 28 -9.90 -4.02 1.33
C SER A 28 -10.48 -2.65 1.72
N GLN A 29 -10.26 -2.27 2.98
CA GLN A 29 -10.74 -0.99 3.48
C GLN A 29 -9.95 0.17 2.91
N TRP A 30 -8.80 -0.12 2.31
CA TRP A 30 -7.95 0.91 1.72
C TRP A 30 -8.73 1.77 0.71
N LYS A 31 -8.64 3.08 0.88
CA LYS A 31 -9.33 4.00 -0.02
C LYS A 31 -8.51 4.23 -1.29
N GLU A 32 -8.86 5.28 -2.04
CA GLU A 32 -8.16 5.60 -3.27
C GLU A 32 -6.65 5.60 -3.06
N VAL A 33 -6.22 5.90 -1.84
CA VAL A 33 -4.80 5.92 -1.49
C VAL A 33 -4.55 5.19 -0.18
N ILE A 34 -3.66 4.20 -0.22
CA ILE A 34 -3.32 3.43 0.98
C ILE A 34 -2.67 4.30 2.04
N PRO A 35 -2.72 3.86 3.31
CA PRO A 35 -2.13 4.62 4.43
C PRO A 35 -0.68 5.02 4.16
N GLU A 36 -0.16 5.89 5.01
CA GLU A 36 1.21 6.37 4.88
C GLU A 36 2.22 5.25 5.14
N LYS A 37 2.15 4.67 6.34
CA LYS A 37 3.07 3.60 6.72
C LYS A 37 2.85 2.34 5.88
N ASP A 38 1.72 2.28 5.18
CA ASP A 38 1.42 1.12 4.35
C ASP A 38 2.15 1.22 3.02
N ALA A 39 1.98 2.33 2.33
CA ALA A 39 2.64 2.55 1.06
C ALA A 39 4.15 2.54 1.21
N TYR A 40 4.62 2.82 2.43
CA TYR A 40 6.05 2.85 2.71
C TYR A 40 6.64 1.44 2.72
N ARG A 41 6.17 0.63 3.66
CA ARG A 41 6.65 -0.75 3.80
C ARG A 41 6.45 -1.54 2.50
N LEU A 42 5.53 -1.06 1.66
CA LEU A 42 5.23 -1.73 0.40
C LEU A 42 6.43 -1.70 -0.55
N GLU A 43 7.12 -0.57 -0.59
CA GLU A 43 8.29 -0.43 -1.46
C GLU A 43 9.30 -1.54 -1.20
N ILE A 44 9.67 -1.71 0.06
CA ILE A 44 10.65 -2.72 0.46
C ILE A 44 10.20 -4.13 0.07
N VAL A 45 8.96 -4.48 0.38
CA VAL A 45 8.44 -5.80 0.06
C VAL A 45 8.39 -6.06 -1.44
N THR A 46 7.99 -5.04 -2.19
CA THR A 46 7.89 -5.14 -3.64
C THR A 46 9.26 -4.97 -4.31
N ALA A 47 10.31 -4.91 -3.51
CA ALA A 47 11.67 -4.75 -4.05
C ALA A 47 11.82 -3.42 -4.78
N GLY A 48 11.15 -2.39 -4.28
CA GLY A 48 11.22 -1.08 -4.89
C GLY A 48 10.39 -0.98 -6.15
N ALA A 49 9.34 -1.79 -6.23
CA ALA A 49 8.46 -1.80 -7.40
C ALA A 49 7.81 -0.42 -7.58
N LEU A 50 7.11 0.04 -6.55
CA LEU A 50 6.45 1.33 -6.60
C LEU A 50 7.30 2.39 -5.91
N LYS A 51 7.26 3.61 -6.44
CA LYS A 51 8.03 4.71 -5.88
C LYS A 51 7.17 5.59 -4.97
N TYR A 52 7.48 5.55 -3.67
CA TYR A 52 6.73 6.35 -2.69
C TYR A 52 6.98 7.83 -2.89
N GLN A 53 5.91 8.62 -2.91
CA GLN A 53 6.02 10.05 -3.08
C GLN A 53 5.48 10.78 -1.85
N GLU A 54 6.11 11.89 -1.50
CA GLU A 54 5.68 12.68 -0.33
C GLU A 54 4.65 13.73 -0.72
N ASN A 55 3.75 13.38 -1.64
CA ASN A 55 2.71 14.30 -2.08
C ASN A 55 1.46 14.17 -1.23
N ALA A 56 0.69 13.12 -1.47
CA ALA A 56 -0.54 12.88 -0.72
C ALA A 56 -0.25 12.45 0.71
N TYR A 57 1.00 12.10 0.97
CA TYR A 57 1.42 11.67 2.30
C TYR A 57 2.07 12.80 3.07
N ARG A 58 1.70 14.04 2.73
CA ARG A 58 2.24 15.21 3.39
C ARG A 58 1.30 15.71 4.47
N GLN A 59 1.34 15.07 5.63
CA GLN A 59 0.47 15.45 6.75
C GLN A 59 1.30 16.01 7.91
N ALA A 60 0.62 16.40 8.98
CA ALA A 60 1.30 16.94 10.15
C ALA A 60 0.43 16.81 11.40
N ALA A 61 1.07 16.69 12.56
CA ALA A 61 0.36 16.56 13.81
C ALA A 61 -0.13 17.92 14.32
N MET A 1 0.29 7.01 -4.30
CA MET A 1 0.14 5.55 -4.49
C MET A 1 -1.32 5.12 -4.38
N TYR A 2 -1.88 4.63 -5.48
CA TYR A 2 -3.27 4.19 -5.50
C TYR A 2 -3.37 2.70 -5.18
N LYS A 3 -4.41 2.32 -4.47
CA LYS A 3 -4.62 0.93 -4.09
C LYS A 3 -4.67 0.03 -5.33
N LYS A 4 -5.08 0.61 -6.45
CA LYS A 4 -5.18 -0.14 -7.70
C LYS A 4 -3.82 -0.72 -8.09
N ASP A 5 -2.81 0.13 -8.09
CA ASP A 5 -1.45 -0.30 -8.45
C ASP A 5 -0.98 -1.42 -7.53
N VAL A 6 -1.17 -1.23 -6.23
CA VAL A 6 -0.76 -2.21 -5.25
C VAL A 6 -1.42 -3.57 -5.52
N ILE A 7 -2.73 -3.56 -5.68
CA ILE A 7 -3.48 -4.78 -5.94
C ILE A 7 -3.02 -5.44 -7.24
N ASP A 8 -2.52 -4.63 -8.16
CA ASP A 8 -2.05 -5.14 -9.44
C ASP A 8 -0.69 -5.79 -9.29
N HIS A 9 0.06 -5.36 -8.28
CA HIS A 9 1.38 -5.91 -8.02
C HIS A 9 1.28 -7.16 -7.15
N PHE A 10 0.30 -7.17 -6.26
CA PHE A 10 0.09 -8.31 -5.36
C PHE A 10 -0.89 -9.31 -5.96
N GLY A 11 -1.85 -8.82 -6.72
CA GLY A 11 -2.83 -9.68 -7.34
C GLY A 11 -4.07 -9.86 -6.48
N THR A 12 -3.86 -10.13 -5.20
CA THR A 12 -4.95 -10.31 -4.26
C THR A 12 -4.69 -9.54 -2.97
N GLN A 13 -5.77 -9.09 -2.34
CA GLN A 13 -5.65 -8.33 -1.09
C GLN A 13 -4.88 -9.12 -0.04
N ARG A 14 -5.31 -10.36 0.19
CA ARG A 14 -4.67 -11.23 1.17
C ARG A 14 -3.15 -11.19 1.05
N ALA A 15 -2.66 -11.13 -0.18
CA ALA A 15 -1.22 -11.09 -0.44
C ALA A 15 -0.60 -9.86 0.21
N VAL A 16 -1.17 -8.70 -0.08
CA VAL A 16 -0.68 -7.45 0.48
C VAL A 16 -0.61 -7.50 2.00
N ALA A 17 -1.66 -8.02 2.62
CA ALA A 17 -1.72 -8.12 4.07
C ALA A 17 -0.68 -9.10 4.59
N LYS A 18 -0.34 -10.08 3.78
CA LYS A 18 0.65 -11.09 4.15
C LYS A 18 2.06 -10.67 3.74
N ALA A 19 2.26 -9.37 3.56
CA ALA A 19 3.56 -8.84 3.17
C ALA A 19 3.97 -7.67 4.05
N LEU A 20 3.04 -6.75 4.25
CA LEU A 20 3.30 -5.56 5.07
C LEU A 20 3.18 -5.89 6.56
N GLY A 21 2.31 -6.85 6.88
CA GLY A 21 2.12 -7.24 8.27
C GLY A 21 0.79 -6.80 8.82
N ILE A 22 -0.21 -6.68 7.93
CA ILE A 22 -1.54 -6.26 8.34
C ILE A 22 -2.57 -7.36 8.07
N SER A 23 -3.82 -7.08 8.39
CA SER A 23 -4.89 -8.04 8.18
C SER A 23 -5.51 -7.89 6.79
N ASP A 24 -6.21 -8.93 6.35
CA ASP A 24 -6.84 -8.91 5.03
C ASP A 24 -7.84 -7.77 4.92
N ALA A 25 -8.46 -7.42 6.06
CA ALA A 25 -9.44 -6.35 6.09
C ALA A 25 -8.77 -4.99 5.92
N ALA A 26 -7.56 -4.86 6.42
CA ALA A 26 -6.80 -3.62 6.31
C ALA A 26 -6.60 -3.22 4.85
N VAL A 27 -6.25 -4.19 4.02
CA VAL A 27 -6.03 -3.95 2.60
C VAL A 27 -7.33 -3.56 1.91
N SER A 28 -8.38 -4.32 2.15
CA SER A 28 -9.69 -4.05 1.55
C SER A 28 -10.26 -2.74 2.08
N GLN A 29 -9.92 -2.40 3.32
CA GLN A 29 -10.40 -1.18 3.94
C GLN A 29 -9.73 0.06 3.33
N TRP A 30 -8.59 -0.14 2.67
CA TRP A 30 -7.87 0.96 2.06
C TRP A 30 -8.76 1.77 1.14
N LYS A 31 -8.40 3.03 0.91
CA LYS A 31 -9.17 3.91 0.05
C LYS A 31 -8.44 4.15 -1.28
N GLU A 32 -8.95 5.08 -2.07
CA GLU A 32 -8.35 5.40 -3.37
C GLU A 32 -6.84 5.59 -3.22
N VAL A 33 -6.40 6.02 -2.04
CA VAL A 33 -4.98 6.23 -1.79
C VAL A 33 -4.55 5.48 -0.54
N ILE A 34 -3.59 4.57 -0.70
CA ILE A 34 -3.08 3.78 0.42
C ILE A 34 -2.56 4.68 1.54
N PRO A 35 -2.52 4.16 2.78
CA PRO A 35 -2.03 4.92 3.93
C PRO A 35 -0.65 5.52 3.70
N GLU A 36 -0.09 6.14 4.73
CA GLU A 36 1.22 6.75 4.63
C GLU A 36 2.33 5.76 5.01
N LYS A 37 2.08 4.97 6.05
CA LYS A 37 3.05 4.00 6.52
C LYS A 37 3.00 2.72 5.68
N ASP A 38 1.91 2.52 4.96
CA ASP A 38 1.75 1.34 4.11
C ASP A 38 2.52 1.52 2.82
N ALA A 39 2.34 2.68 2.18
CA ALA A 39 3.02 2.97 0.93
C ALA A 39 4.54 2.88 1.11
N TYR A 40 5.00 3.09 2.34
CA TYR A 40 6.42 3.02 2.65
C TYR A 40 6.90 1.56 2.69
N ARG A 41 6.18 0.74 3.44
CA ARG A 41 6.54 -0.67 3.57
C ARG A 41 6.35 -1.41 2.24
N LEU A 42 5.39 -0.95 1.45
CA LEU A 42 5.11 -1.57 0.16
C LEU A 42 6.34 -1.56 -0.73
N GLU A 43 7.09 -0.46 -0.69
CA GLU A 43 8.29 -0.32 -1.51
C GLU A 43 9.38 -1.29 -1.06
N ILE A 44 9.24 -1.82 0.15
CA ILE A 44 10.22 -2.77 0.67
C ILE A 44 9.83 -4.20 0.35
N VAL A 45 8.57 -4.54 0.60
CA VAL A 45 8.05 -5.87 0.33
C VAL A 45 8.15 -6.21 -1.16
N THR A 46 7.78 -5.24 -1.99
CA THR A 46 7.80 -5.43 -3.43
C THR A 46 9.20 -5.26 -4.01
N ALA A 47 10.20 -5.08 -3.14
CA ALA A 47 11.58 -4.93 -3.57
C ALA A 47 11.76 -3.63 -4.35
N GLY A 48 10.96 -2.63 -4.02
CA GLY A 48 11.06 -1.34 -4.70
C GLY A 48 10.33 -1.34 -6.04
N ALA A 49 9.32 -2.18 -6.16
CA ALA A 49 8.55 -2.27 -7.39
C ALA A 49 7.72 -1.01 -7.61
N LEU A 50 7.21 -0.44 -6.52
CA LEU A 50 6.40 0.77 -6.60
C LEU A 50 7.22 1.99 -6.17
N LYS A 51 6.58 3.15 -6.13
CA LYS A 51 7.25 4.38 -5.74
C LYS A 51 6.47 5.10 -4.63
N TYR A 52 7.02 5.07 -3.43
CA TYR A 52 6.38 5.72 -2.29
C TYR A 52 6.53 7.24 -2.36
N GLN A 53 5.41 7.94 -2.29
CA GLN A 53 5.42 9.39 -2.34
C GLN A 53 4.66 9.98 -1.16
N GLU A 54 5.35 10.78 -0.35
CA GLU A 54 4.72 11.40 0.82
C GLU A 54 4.01 12.70 0.46
N ASN A 55 3.69 12.88 -0.83
CA ASN A 55 3.01 14.08 -1.28
C ASN A 55 1.65 14.18 -0.61
N ALA A 56 0.73 13.29 -0.98
CA ALA A 56 -0.60 13.28 -0.41
C ALA A 56 -0.56 12.82 1.05
N TYR A 57 0.58 12.27 1.47
CA TYR A 57 0.75 11.79 2.84
C TYR A 57 1.46 12.83 3.70
N ARG A 58 1.33 14.10 3.31
CA ARG A 58 1.97 15.19 4.05
C ARG A 58 0.97 15.91 4.94
N GLN A 59 -0.09 16.43 4.31
CA GLN A 59 -1.12 17.15 5.04
C GLN A 59 -2.42 16.35 5.09
N ALA A 60 -3.09 16.37 6.24
CA ALA A 60 -4.34 15.63 6.41
C ALA A 60 -5.35 16.46 7.19
N ALA A 61 -4.91 17.04 8.30
CA ALA A 61 -5.77 17.86 9.14
C ALA A 61 -5.93 19.27 8.57
N MET A 1 0.63 6.14 -3.04
CA MET A 1 0.23 5.53 -4.33
C MET A 1 -1.19 4.99 -4.27
N TYR A 2 -1.76 4.69 -5.44
CA TYR A 2 -3.12 4.16 -5.52
C TYR A 2 -3.14 2.66 -5.28
N LYS A 3 -4.14 2.20 -4.54
CA LYS A 3 -4.28 0.78 -4.24
C LYS A 3 -4.40 -0.05 -5.52
N LYS A 4 -4.87 0.60 -6.59
CA LYS A 4 -5.04 -0.07 -7.88
C LYS A 4 -3.74 -0.74 -8.33
N ASP A 5 -2.62 -0.06 -8.08
CA ASP A 5 -1.32 -0.58 -8.45
C ASP A 5 -0.91 -1.74 -7.54
N VAL A 6 -1.03 -1.52 -6.23
CA VAL A 6 -0.68 -2.54 -5.26
C VAL A 6 -1.41 -3.84 -5.54
N ILE A 7 -2.74 -3.79 -5.58
CA ILE A 7 -3.56 -4.96 -5.84
C ILE A 7 -3.17 -5.61 -7.17
N ASP A 8 -2.64 -4.81 -8.09
CA ASP A 8 -2.23 -5.32 -9.39
C ASP A 8 -0.90 -6.04 -9.28
N HIS A 9 -0.10 -5.63 -8.31
CA HIS A 9 1.21 -6.23 -8.09
C HIS A 9 1.09 -7.46 -7.17
N PHE A 10 0.10 -7.42 -6.29
CA PHE A 10 -0.13 -8.53 -5.35
C PHE A 10 -1.18 -9.49 -5.88
N GLY A 11 -2.09 -8.98 -6.70
CA GLY A 11 -3.16 -9.81 -7.26
C GLY A 11 -4.40 -9.78 -6.41
N THR A 12 -4.23 -9.96 -5.10
CA THR A 12 -5.36 -9.96 -4.17
C THR A 12 -4.97 -9.28 -2.86
N GLN A 13 -5.95 -8.76 -2.14
CA GLN A 13 -5.70 -8.09 -0.87
C GLN A 13 -4.92 -8.99 0.08
N ARG A 14 -5.40 -10.22 0.26
CA ARG A 14 -4.76 -11.19 1.14
C ARG A 14 -3.23 -11.21 0.94
N ALA A 15 -2.82 -11.12 -0.32
CA ALA A 15 -1.39 -11.13 -0.65
C ALA A 15 -0.67 -9.95 0.01
N VAL A 16 -1.21 -8.75 -0.18
CA VAL A 16 -0.62 -7.54 0.38
C VAL A 16 -0.48 -7.66 1.89
N ALA A 17 -1.50 -8.23 2.54
CA ALA A 17 -1.49 -8.41 3.98
C ALA A 17 -0.32 -9.28 4.43
N LYS A 18 0.08 -10.21 3.57
CA LYS A 18 1.18 -11.12 3.87
C LYS A 18 2.52 -10.41 3.74
N ALA A 19 2.59 -9.43 2.84
CA ALA A 19 3.82 -8.68 2.63
C ALA A 19 4.05 -7.67 3.74
N LEU A 20 3.02 -6.88 4.04
CA LEU A 20 3.11 -5.87 5.09
C LEU A 20 2.94 -6.50 6.47
N GLY A 21 2.19 -7.59 6.54
CA GLY A 21 1.97 -8.26 7.80
C GLY A 21 0.70 -7.79 8.49
N ILE A 22 -0.28 -7.35 7.70
CA ILE A 22 -1.54 -6.88 8.24
C ILE A 22 -2.67 -7.84 7.92
N SER A 23 -3.88 -7.49 8.35
CA SER A 23 -5.05 -8.33 8.11
C SER A 23 -5.72 -7.96 6.79
N ASP A 24 -6.54 -8.87 6.27
CA ASP A 24 -7.23 -8.64 5.01
C ASP A 24 -8.19 -7.46 5.12
N ALA A 25 -8.73 -7.26 6.32
CA ALA A 25 -9.65 -6.16 6.55
C ALA A 25 -8.99 -4.81 6.32
N ALA A 26 -7.77 -4.67 6.84
CA ALA A 26 -7.01 -3.43 6.69
C ALA A 26 -6.79 -3.09 5.22
N VAL A 27 -6.45 -4.10 4.43
CA VAL A 27 -6.21 -3.92 3.00
C VAL A 27 -7.46 -3.39 2.30
N SER A 28 -8.58 -4.09 2.50
CA SER A 28 -9.84 -3.71 1.89
C SER A 28 -10.30 -2.34 2.38
N GLN A 29 -10.04 -2.07 3.66
CA GLN A 29 -10.42 -0.80 4.26
C GLN A 29 -9.73 0.37 3.58
N TRP A 30 -8.64 0.09 2.86
CA TRP A 30 -7.89 1.12 2.17
C TRP A 30 -8.79 1.94 1.25
N LYS A 31 -8.27 3.06 0.77
CA LYS A 31 -9.03 3.93 -0.12
C LYS A 31 -8.23 4.22 -1.39
N GLU A 32 -8.67 5.22 -2.16
CA GLU A 32 -8.00 5.58 -3.41
C GLU A 32 -6.48 5.64 -3.22
N VAL A 33 -6.05 5.98 -2.02
CA VAL A 33 -4.63 6.06 -1.70
C VAL A 33 -4.31 5.30 -0.42
N ILE A 34 -3.43 4.31 -0.53
CA ILE A 34 -3.04 3.50 0.63
C ILE A 34 -2.53 4.38 1.76
N PRO A 35 -2.57 3.87 3.01
CA PRO A 35 -2.12 4.62 4.19
C PRO A 35 -0.72 5.20 4.00
N GLU A 36 -0.30 6.03 4.95
CA GLU A 36 1.01 6.66 4.89
C GLU A 36 2.11 5.69 5.32
N LYS A 37 1.78 4.81 6.25
CA LYS A 37 2.75 3.83 6.74
C LYS A 37 2.72 2.54 5.93
N ASP A 38 1.62 2.31 5.21
CA ASP A 38 1.49 1.11 4.39
C ASP A 38 2.25 1.28 3.07
N ALA A 39 2.15 2.47 2.49
CA ALA A 39 2.84 2.76 1.24
C ALA A 39 4.35 2.66 1.41
N TYR A 40 4.82 2.89 2.63
CA TYR A 40 6.25 2.82 2.93
C TYR A 40 6.73 1.38 2.97
N ARG A 41 6.04 0.54 3.74
CA ARG A 41 6.40 -0.86 3.86
C ARG A 41 6.20 -1.60 2.54
N LEU A 42 5.33 -1.07 1.69
CA LEU A 42 5.05 -1.68 0.40
C LEU A 42 6.26 -1.62 -0.52
N GLU A 43 7.03 -0.54 -0.41
CA GLU A 43 8.22 -0.38 -1.23
C GLU A 43 9.20 -1.53 -1.02
N ILE A 44 9.51 -1.80 0.24
CA ILE A 44 10.45 -2.85 0.59
C ILE A 44 9.96 -4.23 0.13
N VAL A 45 8.70 -4.54 0.40
CA VAL A 45 8.14 -5.84 0.02
C VAL A 45 8.17 -6.05 -1.49
N THR A 46 7.84 -5.00 -2.24
CA THR A 46 7.83 -5.08 -3.69
C THR A 46 9.24 -4.93 -4.28
N ALA A 47 10.24 -4.90 -3.42
CA ALA A 47 11.63 -4.76 -3.87
C ALA A 47 11.86 -3.42 -4.54
N GLY A 48 11.14 -2.40 -4.08
CA GLY A 48 11.29 -1.08 -4.64
C GLY A 48 10.53 -0.91 -5.95
N ALA A 49 9.48 -1.70 -6.13
CA ALA A 49 8.68 -1.62 -7.35
C ALA A 49 7.86 -0.34 -7.39
N LEU A 50 7.47 0.14 -6.22
CA LEU A 50 6.68 1.37 -6.12
C LEU A 50 7.44 2.42 -5.31
N LYS A 51 7.75 3.54 -5.95
CA LYS A 51 8.46 4.63 -5.29
C LYS A 51 7.53 5.47 -4.44
N TYR A 52 7.79 5.52 -3.14
CA TYR A 52 6.97 6.29 -2.22
C TYR A 52 7.00 7.78 -2.57
N GLN A 53 5.84 8.42 -2.47
CA GLN A 53 5.72 9.84 -2.77
C GLN A 53 4.93 10.56 -1.69
N GLU A 54 5.51 11.62 -1.13
CA GLU A 54 4.87 12.39 -0.08
C GLU A 54 4.02 13.51 -0.66
N ASN A 55 3.22 13.18 -1.68
CA ASN A 55 2.35 14.17 -2.32
C ASN A 55 0.99 14.20 -1.64
N ALA A 56 0.35 13.04 -1.56
CA ALA A 56 -0.96 12.93 -0.94
C ALA A 56 -0.84 12.67 0.56
N TYR A 57 0.34 12.20 0.99
CA TYR A 57 0.58 11.92 2.40
C TYR A 57 0.89 13.20 3.18
N ARG A 58 1.37 14.22 2.46
CA ARG A 58 1.69 15.49 3.08
C ARG A 58 0.44 16.33 3.30
N GLN A 59 -0.18 16.75 2.21
CA GLN A 59 -1.39 17.56 2.28
C GLN A 59 -2.54 16.90 1.51
N ALA A 60 -3.43 16.25 2.25
CA ALA A 60 -4.58 15.57 1.65
C ALA A 60 -5.58 15.13 2.70
N ALA A 61 -6.80 15.65 2.61
CA ALA A 61 -7.85 15.31 3.55
C ALA A 61 -9.00 14.58 2.86
N MET A 1 0.10 6.88 -4.69
CA MET A 1 0.00 5.40 -4.76
C MET A 1 -1.43 4.93 -4.55
N TYR A 2 -2.08 4.50 -5.63
CA TYR A 2 -3.45 4.02 -5.57
C TYR A 2 -3.49 2.52 -5.28
N LYS A 3 -4.53 2.10 -4.55
CA LYS A 3 -4.69 0.69 -4.20
C LYS A 3 -4.73 -0.18 -5.46
N LYS A 4 -5.17 0.41 -6.57
CA LYS A 4 -5.25 -0.32 -7.83
C LYS A 4 -3.88 -0.89 -8.23
N ASP A 5 -2.86 -0.04 -8.18
CA ASP A 5 -1.50 -0.46 -8.53
C ASP A 5 -1.02 -1.58 -7.62
N VAL A 6 -1.14 -1.36 -6.30
CA VAL A 6 -0.72 -2.35 -5.32
C VAL A 6 -1.39 -3.69 -5.58
N ILE A 7 -2.71 -3.67 -5.68
CA ILE A 7 -3.48 -4.88 -5.92
C ILE A 7 -3.04 -5.58 -7.21
N ASP A 8 -2.52 -4.79 -8.16
CA ASP A 8 -2.05 -5.33 -9.41
C ASP A 8 -0.69 -5.98 -9.25
N HIS A 9 0.07 -5.51 -8.27
CA HIS A 9 1.40 -6.05 -7.99
C HIS A 9 1.30 -7.26 -7.07
N PHE A 10 0.28 -7.25 -6.21
CA PHE A 10 0.07 -8.34 -5.27
C PHE A 10 -0.92 -9.36 -5.82
N GLY A 11 -1.81 -8.91 -6.69
CA GLY A 11 -2.79 -9.80 -7.28
C GLY A 11 -4.05 -9.92 -6.44
N THR A 12 -3.86 -10.23 -5.16
CA THR A 12 -4.99 -10.37 -4.24
C THR A 12 -4.75 -9.55 -2.97
N GLN A 13 -5.83 -9.04 -2.37
CA GLN A 13 -5.73 -8.24 -1.16
C GLN A 13 -5.02 -9.02 -0.06
N ARG A 14 -5.52 -10.22 0.23
CA ARG A 14 -4.94 -11.07 1.26
C ARG A 14 -3.41 -11.15 1.14
N ALA A 15 -2.93 -11.06 -0.10
CA ALA A 15 -1.50 -11.12 -0.36
C ALA A 15 -0.77 -9.95 0.32
N VAL A 16 -1.24 -8.74 0.05
CA VAL A 16 -0.64 -7.55 0.62
C VAL A 16 -0.63 -7.63 2.15
N ALA A 17 -1.71 -8.13 2.72
CA ALA A 17 -1.84 -8.26 4.16
C ALA A 17 -0.76 -9.19 4.72
N LYS A 18 -0.45 -10.25 3.97
CA LYS A 18 0.56 -11.22 4.38
C LYS A 18 1.95 -10.82 3.87
N ALA A 19 2.14 -9.53 3.57
CA ALA A 19 3.42 -9.05 3.09
C ALA A 19 3.93 -7.89 3.94
N LEU A 20 3.07 -6.92 4.19
CA LEU A 20 3.43 -5.76 4.99
C LEU A 20 3.37 -6.09 6.49
N GLY A 21 2.48 -7.00 6.85
CA GLY A 21 2.34 -7.40 8.24
C GLY A 21 1.00 -6.98 8.83
N ILE A 22 -0.01 -6.86 7.98
CA ILE A 22 -1.34 -6.46 8.42
C ILE A 22 -2.38 -7.52 8.07
N SER A 23 -3.63 -7.25 8.41
CA SER A 23 -4.71 -8.18 8.13
C SER A 23 -5.39 -7.84 6.80
N ASP A 24 -6.14 -8.80 6.26
CA ASP A 24 -6.83 -8.60 5.00
C ASP A 24 -7.82 -7.44 5.10
N ALA A 25 -8.39 -7.25 6.28
CA ALA A 25 -9.34 -6.17 6.50
C ALA A 25 -8.70 -4.81 6.25
N ALA A 26 -7.43 -4.66 6.66
CA ALA A 26 -6.72 -3.42 6.47
C ALA A 26 -6.55 -3.08 5.00
N VAL A 27 -6.32 -4.11 4.18
CA VAL A 27 -6.15 -3.94 2.75
C VAL A 27 -7.45 -3.50 2.09
N SER A 28 -8.53 -4.24 2.37
CA SER A 28 -9.83 -3.92 1.81
C SER A 28 -10.31 -2.54 2.26
N GLN A 29 -9.88 -2.13 3.44
CA GLN A 29 -10.26 -0.83 3.98
C GLN A 29 -9.55 0.31 3.24
N TRP A 30 -8.44 -0.02 2.59
CA TRP A 30 -7.67 0.99 1.85
C TRP A 30 -8.56 1.72 0.85
N LYS A 31 -8.56 3.05 0.92
CA LYS A 31 -9.37 3.86 0.02
C LYS A 31 -8.67 4.02 -1.32
N GLU A 32 -9.10 4.99 -2.11
CA GLU A 32 -8.52 5.25 -3.42
C GLU A 32 -7.00 5.32 -3.34
N VAL A 33 -6.49 5.72 -2.18
CA VAL A 33 -5.05 5.83 -1.97
C VAL A 33 -4.63 5.08 -0.72
N ILE A 34 -3.64 4.19 -0.86
CA ILE A 34 -3.15 3.41 0.27
C ILE A 34 -2.65 4.30 1.40
N PRO A 35 -2.67 3.79 2.64
CA PRO A 35 -2.21 4.55 3.81
C PRO A 35 -0.79 5.07 3.65
N GLU A 36 -0.42 6.04 4.47
CA GLU A 36 0.91 6.64 4.42
C GLU A 36 1.98 5.63 4.82
N LYS A 37 1.81 5.03 6.00
CA LYS A 37 2.77 4.06 6.50
C LYS A 37 2.74 2.76 5.69
N ASP A 38 1.66 2.55 4.96
CA ASP A 38 1.52 1.35 4.14
C ASP A 38 2.30 1.52 2.83
N ALA A 39 2.15 2.67 2.20
CA ALA A 39 2.84 2.97 0.96
C ALA A 39 4.36 2.91 1.15
N TYR A 40 4.81 3.20 2.36
CA TYR A 40 6.24 3.18 2.67
C TYR A 40 6.75 1.74 2.76
N ARG A 41 6.01 0.90 3.47
CA ARG A 41 6.39 -0.51 3.63
C ARG A 41 6.23 -1.28 2.34
N LEU A 42 5.28 -0.87 1.51
CA LEU A 42 5.03 -1.52 0.23
C LEU A 42 6.28 -1.51 -0.65
N GLU A 43 6.96 -0.37 -0.70
CA GLU A 43 8.17 -0.24 -1.50
C GLU A 43 9.13 -1.40 -1.23
N ILE A 44 9.57 -1.52 0.02
CA ILE A 44 10.48 -2.57 0.42
C ILE A 44 9.92 -3.95 0.07
N VAL A 45 8.65 -4.17 0.40
CA VAL A 45 8.00 -5.45 0.13
C VAL A 45 7.92 -5.73 -1.37
N THR A 46 7.73 -4.68 -2.16
CA THR A 46 7.63 -4.82 -3.60
C THR A 46 9.01 -4.75 -4.28
N ALA A 47 10.07 -4.82 -3.47
CA ALA A 47 11.42 -4.76 -3.99
C ALA A 47 11.68 -3.45 -4.72
N GLY A 48 10.97 -2.40 -4.31
CA GLY A 48 11.14 -1.10 -4.92
C GLY A 48 10.32 -0.95 -6.19
N ALA A 49 9.18 -1.64 -6.25
CA ALA A 49 8.31 -1.57 -7.42
C ALA A 49 7.51 -0.28 -7.43
N LEU A 50 7.00 0.11 -6.26
CA LEU A 50 6.22 1.33 -6.13
C LEU A 50 7.01 2.40 -5.38
N LYS A 51 7.13 3.57 -6.00
CA LYS A 51 7.87 4.68 -5.40
C LYS A 51 6.99 5.43 -4.40
N TYR A 52 7.26 5.23 -3.12
CA TYR A 52 6.50 5.90 -2.06
C TYR A 52 6.72 7.41 -2.10
N GLN A 53 5.64 8.17 -1.98
CA GLN A 53 5.72 9.63 -2.01
C GLN A 53 4.96 10.24 -0.84
N GLU A 54 5.71 10.66 0.18
CA GLU A 54 5.10 11.27 1.37
C GLU A 54 4.31 12.52 0.99
N ASN A 55 4.64 13.11 -0.15
CA ASN A 55 3.95 14.31 -0.62
C ASN A 55 2.46 14.06 -0.75
N ALA A 56 2.09 12.84 -1.15
CA ALA A 56 0.70 12.48 -1.31
C ALA A 56 0.14 11.84 -0.04
N TYR A 57 0.88 11.99 1.07
CA TYR A 57 0.46 11.43 2.34
C TYR A 57 0.78 12.40 3.49
N ARG A 58 0.90 13.68 3.16
CA ARG A 58 1.20 14.70 4.17
C ARG A 58 0.21 15.86 4.07
N GLN A 59 -1.01 15.56 3.64
CA GLN A 59 -2.04 16.58 3.50
C GLN A 59 -3.22 16.29 4.43
N ALA A 60 -3.03 16.54 5.72
CA ALA A 60 -4.08 16.30 6.70
C ALA A 60 -4.59 17.61 7.28
N ALA A 61 -3.71 18.59 7.39
CA ALA A 61 -4.08 19.90 7.92
C ALA A 61 -3.98 20.98 6.84
N MET A 1 1.04 6.02 -3.22
CA MET A 1 0.50 5.48 -4.49
C MET A 1 -0.95 5.02 -4.33
N TYR A 2 -1.58 4.68 -5.45
CA TYR A 2 -2.97 4.22 -5.43
C TYR A 2 -3.06 2.78 -4.95
N LYS A 3 -4.17 2.46 -4.29
CA LYS A 3 -4.39 1.11 -3.76
C LYS A 3 -4.64 0.12 -4.89
N LYS A 4 -5.25 0.59 -5.97
CA LYS A 4 -5.55 -0.25 -7.12
C LYS A 4 -4.27 -0.85 -7.71
N ASP A 5 -3.13 -0.24 -7.41
CA ASP A 5 -1.85 -0.72 -7.93
C ASP A 5 -1.29 -1.83 -7.06
N VAL A 6 -1.27 -1.60 -5.75
CA VAL A 6 -0.75 -2.58 -4.81
C VAL A 6 -1.42 -3.94 -4.99
N ILE A 7 -2.74 -3.91 -5.13
CA ILE A 7 -3.50 -5.14 -5.32
C ILE A 7 -3.25 -5.75 -6.69
N ASP A 8 -3.00 -4.89 -7.68
CA ASP A 8 -2.72 -5.33 -9.04
C ASP A 8 -1.30 -5.84 -9.15
N HIS A 9 -0.42 -5.35 -8.28
CA HIS A 9 0.97 -5.75 -8.28
C HIS A 9 1.16 -7.05 -7.49
N PHE A 10 0.27 -7.29 -6.53
CA PHE A 10 0.35 -8.50 -5.71
C PHE A 10 -0.49 -9.61 -6.32
N GLY A 11 -1.74 -9.30 -6.65
CA GLY A 11 -2.63 -10.29 -7.22
C GLY A 11 -3.88 -10.51 -6.40
N THR A 12 -3.76 -10.30 -5.09
CA THR A 12 -4.89 -10.47 -4.18
C THR A 12 -4.74 -9.58 -2.95
N GLN A 13 -5.72 -9.64 -2.07
CA GLN A 13 -5.70 -8.84 -0.84
C GLN A 13 -4.89 -9.52 0.25
N ARG A 14 -5.10 -10.82 0.41
CA ARG A 14 -4.40 -11.60 1.43
C ARG A 14 -2.88 -11.53 1.19
N ALA A 15 -2.49 -11.40 -0.06
CA ALA A 15 -1.08 -11.33 -0.42
C ALA A 15 -0.44 -10.06 0.12
N VAL A 16 -1.21 -8.97 0.13
CA VAL A 16 -0.73 -7.69 0.61
C VAL A 16 -0.83 -7.61 2.14
N ALA A 17 -1.88 -8.22 2.69
CA ALA A 17 -2.09 -8.22 4.13
C ALA A 17 -1.03 -9.06 4.84
N LYS A 18 -0.49 -10.05 4.14
CA LYS A 18 0.54 -10.92 4.71
C LYS A 18 1.92 -10.31 4.55
N ALA A 19 2.10 -9.55 3.48
CA ALA A 19 3.39 -8.91 3.22
C ALA A 19 3.68 -7.82 4.23
N LEU A 20 2.71 -6.94 4.46
CA LEU A 20 2.87 -5.85 5.42
C LEU A 20 2.65 -6.34 6.84
N GLY A 21 1.75 -7.31 7.00
CA GLY A 21 1.46 -7.85 8.31
C GLY A 21 0.11 -7.39 8.85
N ILE A 22 -0.81 -7.08 7.95
CA ILE A 22 -2.13 -6.64 8.34
C ILE A 22 -3.20 -7.66 7.97
N SER A 23 -4.45 -7.36 8.28
CA SER A 23 -5.56 -8.24 7.98
C SER A 23 -6.11 -7.98 6.59
N ASP A 24 -6.85 -8.95 6.05
CA ASP A 24 -7.44 -8.81 4.72
C ASP A 24 -8.38 -7.61 4.66
N ALA A 25 -9.01 -7.30 5.79
CA ALA A 25 -9.93 -6.17 5.87
C ALA A 25 -9.20 -4.85 5.66
N ALA A 26 -8.02 -4.73 6.26
CA ALA A 26 -7.22 -3.52 6.14
C ALA A 26 -6.92 -3.20 4.68
N VAL A 27 -6.53 -4.21 3.92
CA VAL A 27 -6.22 -4.04 2.51
C VAL A 27 -7.44 -3.58 1.73
N SER A 28 -8.59 -4.18 2.04
CA SER A 28 -9.84 -3.84 1.38
C SER A 28 -10.34 -2.46 1.81
N GLN A 29 -10.03 -2.10 3.05
CA GLN A 29 -10.44 -0.81 3.59
C GLN A 29 -9.58 0.32 3.03
N TRP A 30 -8.50 -0.02 2.35
CA TRP A 30 -7.60 0.98 1.77
C TRP A 30 -8.36 1.88 0.80
N LYS A 31 -8.20 3.18 0.97
CA LYS A 31 -8.87 4.16 0.10
C LYS A 31 -8.09 4.33 -1.21
N GLU A 32 -8.46 5.36 -1.97
CA GLU A 32 -7.80 5.64 -3.24
C GLU A 32 -6.28 5.63 -3.08
N VAL A 33 -5.83 6.14 -1.95
CA VAL A 33 -4.39 6.18 -1.65
C VAL A 33 -4.07 5.36 -0.41
N ILE A 34 -3.18 4.38 -0.56
CA ILE A 34 -2.80 3.53 0.55
C ILE A 34 -2.29 4.34 1.74
N PRO A 35 -2.35 3.77 2.95
CA PRO A 35 -1.90 4.44 4.18
C PRO A 35 -0.51 5.07 4.03
N GLU A 36 -0.16 5.92 4.98
CA GLU A 36 1.13 6.59 4.98
C GLU A 36 2.26 5.63 5.37
N LYS A 37 1.97 4.73 6.30
CA LYS A 37 2.97 3.76 6.76
C LYS A 37 2.95 2.49 5.93
N ASP A 38 1.84 2.25 5.23
CA ASP A 38 1.72 1.05 4.40
C ASP A 38 2.44 1.23 3.08
N ALA A 39 2.31 2.42 2.50
CA ALA A 39 2.96 2.72 1.23
C ALA A 39 4.48 2.71 1.37
N TYR A 40 4.96 2.93 2.59
CA TYR A 40 6.39 2.95 2.85
C TYR A 40 7.00 1.56 2.67
N ARG A 41 6.77 0.69 3.65
CA ARG A 41 7.30 -0.67 3.61
C ARG A 41 6.96 -1.36 2.29
N LEU A 42 5.88 -0.93 1.65
CA LEU A 42 5.45 -1.50 0.38
C LEU A 42 6.56 -1.40 -0.66
N GLU A 43 7.30 -0.29 -0.64
CA GLU A 43 8.39 -0.07 -1.58
C GLU A 43 9.49 -1.10 -1.39
N ILE A 44 9.66 -1.57 -0.15
CA ILE A 44 10.68 -2.56 0.16
C ILE A 44 10.22 -3.96 -0.25
N VAL A 45 9.01 -4.32 0.16
CA VAL A 45 8.45 -5.63 -0.15
C VAL A 45 8.35 -5.85 -1.66
N THR A 46 7.97 -4.79 -2.36
CA THR A 46 7.81 -4.84 -3.81
C THR A 46 9.15 -4.67 -4.54
N ALA A 47 10.24 -5.04 -3.88
CA ALA A 47 11.57 -4.92 -4.49
C ALA A 47 11.81 -3.53 -5.06
N GLY A 48 11.13 -2.54 -4.50
CA GLY A 48 11.28 -1.17 -4.96
C GLY A 48 10.53 -0.92 -6.26
N ALA A 49 9.52 -1.73 -6.53
CA ALA A 49 8.72 -1.58 -7.74
C ALA A 49 8.02 -0.23 -7.76
N LEU A 50 7.27 0.06 -6.71
CA LEU A 50 6.55 1.33 -6.61
C LEU A 50 7.43 2.40 -5.99
N LYS A 51 7.00 3.66 -6.09
CA LYS A 51 7.76 4.78 -5.54
C LYS A 51 6.92 5.57 -4.55
N TYR A 52 7.45 5.74 -3.34
CA TYR A 52 6.75 6.48 -2.30
C TYR A 52 6.76 7.98 -2.59
N GLN A 53 5.59 8.60 -2.51
CA GLN A 53 5.46 10.03 -2.76
C GLN A 53 4.80 10.72 -1.56
N GLU A 54 5.48 11.73 -1.01
CA GLU A 54 4.97 12.46 0.14
C GLU A 54 4.06 13.61 -0.28
N ASN A 55 3.38 13.46 -1.41
CA ASN A 55 2.48 14.50 -1.90
C ASN A 55 1.08 14.27 -1.37
N ALA A 56 0.69 13.00 -1.26
CA ALA A 56 -0.64 12.66 -0.76
C ALA A 56 -0.61 12.38 0.75
N TYR A 57 0.59 12.16 1.28
CA TYR A 57 0.75 11.88 2.71
C TYR A 57 1.07 13.16 3.49
N ARG A 58 0.72 14.30 2.91
CA ARG A 58 0.98 15.58 3.56
C ARG A 58 -0.33 16.22 4.02
N GLN A 59 -0.23 17.44 4.54
CA GLN A 59 -1.40 18.16 5.02
C GLN A 59 -1.24 19.67 4.81
N ALA A 60 -2.26 20.29 4.24
CA ALA A 60 -2.25 21.73 3.98
C ALA A 60 -1.08 22.10 3.06
N ALA A 61 -1.02 23.38 2.69
CA ALA A 61 0.05 23.86 1.83
C ALA A 61 0.42 25.31 2.15
N MET A 1 0.19 6.74 -3.18
CA MET A 1 0.11 5.35 -3.72
C MET A 1 -1.33 4.85 -3.77
N TYR A 2 -1.83 4.60 -4.97
CA TYR A 2 -3.19 4.11 -5.16
C TYR A 2 -3.29 2.64 -4.77
N LYS A 3 -4.39 2.28 -4.11
CA LYS A 3 -4.61 0.90 -3.69
C LYS A 3 -4.61 -0.05 -4.89
N LYS A 4 -5.23 0.39 -5.98
CA LYS A 4 -5.30 -0.43 -7.20
C LYS A 4 -3.92 -0.90 -7.63
N ASP A 5 -2.93 -0.01 -7.53
CA ASP A 5 -1.57 -0.34 -7.90
C ASP A 5 -1.02 -1.50 -7.06
N VAL A 6 -1.15 -1.37 -5.74
CA VAL A 6 -0.68 -2.40 -4.83
C VAL A 6 -1.34 -3.74 -5.11
N ILE A 7 -2.65 -3.69 -5.39
CA ILE A 7 -3.40 -4.91 -5.66
C ILE A 7 -3.00 -5.51 -7.01
N ASP A 8 -2.74 -4.64 -7.98
CA ASP A 8 -2.34 -5.09 -9.32
C ASP A 8 -0.90 -5.59 -9.30
N HIS A 9 -0.12 -5.09 -8.34
CA HIS A 9 1.27 -5.49 -8.21
C HIS A 9 1.39 -6.79 -7.43
N PHE A 10 0.39 -7.06 -6.58
CA PHE A 10 0.39 -8.28 -5.78
C PHE A 10 -0.46 -9.36 -6.43
N GLY A 11 -1.63 -8.97 -6.91
CA GLY A 11 -2.53 -9.92 -7.54
C GLY A 11 -3.80 -10.14 -6.74
N THR A 12 -3.70 -9.96 -5.43
CA THR A 12 -4.84 -10.14 -4.55
C THR A 12 -4.72 -9.24 -3.31
N GLN A 13 -5.72 -9.31 -2.44
CA GLN A 13 -5.72 -8.51 -1.22
C GLN A 13 -5.02 -9.24 -0.08
N ARG A 14 -5.42 -10.48 0.16
CA ARG A 14 -4.83 -11.30 1.21
C ARG A 14 -3.31 -11.33 1.10
N ALA A 15 -2.81 -11.21 -0.14
CA ALA A 15 -1.38 -11.22 -0.38
C ALA A 15 -0.69 -10.05 0.31
N VAL A 16 -1.25 -8.86 0.14
CA VAL A 16 -0.69 -7.66 0.74
C VAL A 16 -0.66 -7.79 2.27
N ALA A 17 -1.65 -8.49 2.81
CA ALA A 17 -1.74 -8.69 4.25
C ALA A 17 -0.54 -9.46 4.78
N LYS A 18 0.04 -10.32 3.94
CA LYS A 18 1.19 -11.11 4.33
C LYS A 18 2.45 -10.27 4.33
N ALA A 19 2.64 -9.49 3.28
CA ALA A 19 3.82 -8.63 3.16
C ALA A 19 3.90 -7.64 4.32
N LEU A 20 2.77 -7.00 4.61
CA LEU A 20 2.71 -6.02 5.69
C LEU A 20 2.46 -6.70 7.03
N GLY A 21 1.73 -7.82 6.98
CA GLY A 21 1.42 -8.55 8.20
C GLY A 21 0.11 -8.12 8.81
N ILE A 22 -0.80 -7.61 7.99
CA ILE A 22 -2.09 -7.16 8.46
C ILE A 22 -3.21 -8.09 7.99
N SER A 23 -4.44 -7.75 8.35
CA SER A 23 -5.59 -8.56 7.96
C SER A 23 -6.14 -8.12 6.61
N ASP A 24 -6.92 -8.98 5.98
CA ASP A 24 -7.51 -8.68 4.67
C ASP A 24 -8.37 -7.42 4.74
N ALA A 25 -8.96 -7.17 5.90
CA ALA A 25 -9.81 -6.01 6.09
C ALA A 25 -9.00 -4.71 5.94
N ALA A 26 -7.84 -4.67 6.56
CA ALA A 26 -6.97 -3.50 6.48
C ALA A 26 -6.62 -3.17 5.04
N VAL A 27 -6.41 -4.20 4.24
CA VAL A 27 -6.08 -4.02 2.82
C VAL A 27 -7.29 -3.59 2.01
N SER A 28 -8.42 -4.26 2.25
CA SER A 28 -9.65 -3.95 1.54
C SER A 28 -10.20 -2.59 1.96
N GLN A 29 -9.94 -2.22 3.21
CA GLN A 29 -10.41 -0.94 3.73
C GLN A 29 -9.64 0.22 3.13
N TRP A 30 -8.47 -0.07 2.57
CA TRP A 30 -7.63 0.97 1.96
C TRP A 30 -8.42 1.77 0.93
N LYS A 31 -8.46 3.08 1.12
CA LYS A 31 -9.19 3.96 0.22
C LYS A 31 -8.36 4.25 -1.04
N GLU A 32 -8.76 5.26 -1.79
CA GLU A 32 -8.05 5.63 -3.01
C GLU A 32 -6.55 5.76 -2.76
N VAL A 33 -6.18 6.17 -1.56
CA VAL A 33 -4.79 6.33 -1.18
C VAL A 33 -4.46 5.58 0.09
N ILE A 34 -3.67 4.52 -0.03
CA ILE A 34 -3.28 3.72 1.12
C ILE A 34 -2.58 4.57 2.19
N PRO A 35 -2.54 4.09 3.44
CA PRO A 35 -1.91 4.81 4.54
C PRO A 35 -0.49 5.26 4.19
N GLU A 36 0.02 6.23 4.95
CA GLU A 36 1.36 6.76 4.73
C GLU A 36 2.42 5.72 5.09
N LYS A 37 2.19 4.99 6.18
CA LYS A 37 3.14 3.98 6.63
C LYS A 37 2.95 2.65 5.87
N ASP A 38 1.79 2.50 5.23
CA ASP A 38 1.50 1.29 4.47
C ASP A 38 2.19 1.35 3.11
N ALA A 39 2.02 2.46 2.41
CA ALA A 39 2.63 2.64 1.10
C ALA A 39 4.15 2.55 1.19
N TYR A 40 4.69 2.90 2.36
CA TYR A 40 6.14 2.86 2.57
C TYR A 40 6.63 1.41 2.63
N ARG A 41 6.00 0.62 3.50
CA ARG A 41 6.38 -0.78 3.66
C ARG A 41 6.27 -1.53 2.34
N LEU A 42 5.40 -1.05 1.45
CA LEU A 42 5.20 -1.68 0.15
C LEU A 42 6.50 -1.70 -0.65
N GLU A 43 7.22 -0.58 -0.63
CA GLU A 43 8.48 -0.47 -1.36
C GLU A 43 9.43 -1.60 -0.97
N ILE A 44 9.56 -1.85 0.32
CA ILE A 44 10.43 -2.89 0.83
C ILE A 44 10.04 -4.27 0.30
N VAL A 45 8.75 -4.59 0.38
CA VAL A 45 8.25 -5.88 -0.07
C VAL A 45 8.31 -6.02 -1.58
N THR A 46 7.97 -4.93 -2.28
CA THR A 46 7.97 -4.93 -3.74
C THR A 46 9.37 -4.77 -4.32
N ALA A 47 10.40 -4.94 -3.50
CA ALA A 47 11.78 -4.83 -3.96
C ALA A 47 12.05 -3.44 -4.52
N GLY A 48 11.29 -2.45 -4.06
CA GLY A 48 11.46 -1.08 -4.53
C GLY A 48 10.93 -0.89 -5.93
N ALA A 49 9.78 -1.49 -6.22
CA ALA A 49 9.17 -1.36 -7.54
C ALA A 49 8.30 -0.11 -7.63
N LEU A 50 7.52 0.13 -6.58
CA LEU A 50 6.64 1.29 -6.53
C LEU A 50 7.33 2.45 -5.82
N LYS A 51 7.41 3.59 -6.51
CA LYS A 51 8.04 4.78 -5.94
C LYS A 51 7.09 5.51 -5.00
N TYR A 52 7.41 5.50 -3.71
CA TYR A 52 6.59 6.17 -2.71
C TYR A 52 6.52 7.67 -2.97
N GLN A 53 5.32 8.17 -3.24
CA GLN A 53 5.13 9.59 -3.50
C GLN A 53 4.62 10.32 -2.26
N GLU A 54 5.42 11.24 -1.75
CA GLU A 54 5.06 12.00 -0.56
C GLU A 54 4.31 13.29 -0.93
N ASN A 55 3.51 13.23 -2.00
CA ASN A 55 2.76 14.38 -2.44
C ASN A 55 1.40 14.43 -1.75
N ALA A 56 0.73 13.29 -1.70
CA ALA A 56 -0.57 13.19 -1.06
C ALA A 56 -0.44 12.85 0.42
N TYR A 57 0.77 12.48 0.84
CA TYR A 57 1.02 12.13 2.24
C TYR A 57 1.44 13.35 3.05
N ARG A 58 1.26 14.54 2.48
CA ARG A 58 1.62 15.78 3.17
C ARG A 58 0.42 16.37 3.88
N GLN A 59 -0.77 16.14 3.31
CA GLN A 59 -2.00 16.67 3.89
C GLN A 59 -3.12 15.63 3.80
N ALA A 60 -3.35 14.92 4.90
CA ALA A 60 -4.40 13.91 4.95
C ALA A 60 -4.15 12.82 3.90
N ALA A 61 -5.07 11.86 3.81
CA ALA A 61 -4.96 10.77 2.86
C ALA A 61 -6.32 10.18 2.53
#